data_6CXL
#
_entry.id   6CXL
#
_cell.length_a   137.641
_cell.length_b   146.308
_cell.length_c   148.213
_cell.angle_alpha   90.00
_cell.angle_beta   90.00
_cell.angle_gamma   90.00
#
_symmetry.space_group_name_H-M   'I 2 2 2'
#
loop_
_entity.id
_entity.type
_entity.pdbx_description
1 polymer 'anti-HIV-1 Fab 2G12 light chain'
2 polymer 'anti-HIV-1 Fab 2G12 heavy chain'
3 branched alpha-D-mannopyranose-(1-2)-alpha-D-mannopyranose-(1-2)-alpha-D-mannopyranose-(1-3)-[alpha-D-mannopyranose-(1-2)-alpha-D-mannopyranose-(1-3)-[alpha-D-mannopyranose-(1-2)-alpha-D-mannopyranose-(1-6)]alpha-D-mannopyranose-(1-6)]beta-D-mannopyranose
#
loop_
_entity_poly.entity_id
_entity_poly.type
_entity_poly.pdbx_seq_one_letter_code
_entity_poly.pdbx_strand_id
1 'polypeptide(L)'
;AVVMTQSPSTLSASVGDTITITCRASQSIETWLAWYQQKPGKAPKLLIYKASTLKTGVPSRFSGSGSGTEFTLTISGLQF
DDFATYHCQHYAGYSATFGQGTRVEIKRTVAAPSVFIFPPSDEQLKSGTASVVCLLNNFYPREAKVQWKVDNALQSGNSQ
ESVTEQDSKDSTYSLSSTLTLSKADYEKHKVYACEVTHQGLSSPVTKSFNRGE
;
L,K
2 'polypeptide(L)'
;EVQLVESGGGLVKAGGSLILSCGVSNFRISAHTMNWVRRVPGGGLEWVASISTSSTYRDYADAVKGRFTVSRDDLEDFVY
LQMHKMRVEDTAIYYCARKGSDRLSDNDPFDAWGPGTVVTVSPASTKGPSVFPLAPSSKSTSGGTAALGCLVKDYFPEPV
TVSWNSGALTSGVHTFPAVLQSSGLYSLSSVVTVPSSSLGTQTYICNVNHKPSNTKVDKKVEPK
;
H,M
#
# COMPACT_ATOMS: atom_id res chain seq x y z
N ALA A 1 -8.93 -26.22 21.24
CA ALA A 1 -9.07 -24.78 21.42
C ALA A 1 -8.80 -24.40 22.88
N VAL A 2 -7.54 -24.50 23.29
CA VAL A 2 -7.16 -24.36 24.69
C VAL A 2 -6.95 -22.89 25.01
N VAL A 3 -7.53 -22.44 26.14
CA VAL A 3 -7.37 -21.08 26.64
C VAL A 3 -6.20 -21.00 27.62
N MET A 4 -5.25 -20.10 27.37
CA MET A 4 -4.08 -19.95 28.22
C MET A 4 -4.19 -18.62 28.97
N THR A 5 -4.07 -18.67 30.30
CA THR A 5 -4.21 -17.49 31.15
C THR A 5 -2.94 -17.25 31.94
N GLN A 6 -2.26 -16.14 31.67
CA GLN A 6 -1.06 -15.76 32.39
C GLN A 6 -1.41 -14.93 33.62
N SER A 7 -0.49 -14.89 34.57
CA SER A 7 -0.70 -14.13 35.79
C SER A 7 0.65 -13.80 36.45
N PRO A 8 0.90 -12.53 36.81
CA PRO A 8 -0.02 -11.41 36.58
C PRO A 8 0.12 -10.82 35.19
N SER A 9 -0.69 -9.82 34.88
CA SER A 9 -0.58 -9.17 33.58
C SER A 9 0.59 -8.21 33.51
N THR A 10 0.84 -7.47 34.59
CA THR A 10 2.05 -6.65 34.71
C THR A 10 2.71 -6.98 36.03
N LEU A 11 4.01 -7.24 35.99
CA LEU A 11 4.76 -7.62 37.19
C LEU A 11 5.88 -6.61 37.38
N SER A 12 5.78 -5.81 38.45
CA SER A 12 6.75 -4.77 38.76
C SER A 12 7.75 -5.31 39.77
N ALA A 13 9.03 -5.19 39.46
CA ALA A 13 10.07 -5.81 40.27
C ALA A 13 11.34 -4.97 40.18
N SER A 14 12.32 -5.32 41.02
CA SER A 14 13.61 -4.65 41.04
C SER A 14 14.70 -5.65 40.69
N VAL A 15 15.84 -5.12 40.23
CA VAL A 15 16.99 -5.95 39.94
C VAL A 15 17.38 -6.74 41.18
N GLY A 16 17.61 -8.04 40.99
CA GLY A 16 17.98 -8.96 42.04
C GLY A 16 16.81 -9.72 42.64
N ASP A 17 15.58 -9.28 42.41
CA ASP A 17 14.42 -10.02 42.90
C ASP A 17 14.34 -11.39 42.25
N THR A 18 13.59 -12.29 42.89
CA THR A 18 13.20 -13.58 42.32
C THR A 18 11.69 -13.60 42.11
N ILE A 19 11.26 -13.80 40.86
CA ILE A 19 9.86 -13.66 40.49
C ILE A 19 9.35 -14.93 39.83
N THR A 20 8.02 -15.09 39.86
CA THR A 20 7.34 -16.28 39.37
C THR A 20 6.13 -15.84 38.54
N ILE A 21 6.13 -16.19 37.27
CA ILE A 21 5.01 -15.96 36.37
C ILE A 21 4.23 -17.26 36.29
N THR A 22 2.92 -17.18 36.43
CA THR A 22 2.08 -18.37 36.35
C THR A 22 1.36 -18.41 35.02
N CYS A 23 1.20 -19.62 34.47
CA CYS A 23 0.43 -19.89 33.27
C CYS A 23 -0.52 -21.03 33.61
N ARG A 24 -1.81 -20.79 33.42
CA ARG A 24 -2.83 -21.81 33.64
C ARG A 24 -3.51 -22.16 32.33
N ALA A 25 -3.66 -23.46 32.07
CA ALA A 25 -4.36 -23.96 30.89
C ALA A 25 -5.77 -24.40 31.27
N SER A 26 -6.71 -24.13 30.37
CA SER A 26 -8.12 -24.44 30.62
C SER A 26 -8.41 -25.93 30.59
N GLN A 27 -7.51 -26.75 30.07
CA GLN A 27 -7.63 -28.20 30.18
C GLN A 27 -6.22 -28.77 30.12
N SER A 28 -6.05 -30.02 30.56
CA SER A 28 -4.71 -30.57 30.68
C SER A 28 -4.02 -30.61 29.31
N ILE A 29 -2.78 -30.14 29.28
CA ILE A 29 -1.90 -30.09 28.12
C ILE A 29 -0.63 -30.84 28.49
N GLU A 30 -0.74 -31.80 29.41
CA GLU A 30 0.38 -32.63 29.85
C GLU A 30 1.56 -31.75 30.22
N THR A 31 2.70 -31.89 29.53
CA THR A 31 3.82 -30.97 29.71
C THR A 31 4.20 -30.24 28.42
N TRP A 32 3.24 -30.05 27.51
CA TRP A 32 3.53 -29.43 26.20
C TRP A 32 3.50 -27.90 26.27
N LEU A 33 4.48 -27.34 26.96
CA LEU A 33 4.46 -25.91 27.25
C LEU A 33 5.83 -25.29 27.04
N ALA A 34 5.85 -24.14 26.38
CA ALA A 34 7.11 -23.45 26.13
C ALA A 34 6.97 -22.02 26.64
N TRP A 35 8.11 -21.45 26.99
CA TRP A 35 8.19 -20.08 27.48
C TRP A 35 9.10 -19.28 26.57
N TYR A 36 8.67 -18.06 26.27
CA TYR A 36 9.34 -17.14 25.36
C TYR A 36 9.59 -15.76 25.98
N GLN A 37 10.72 -15.18 25.60
CA GLN A 37 11.07 -13.80 25.89
C GLN A 37 10.85 -12.95 24.65
N GLN A 38 10.37 -11.73 24.86
CA GLN A 38 10.21 -10.78 23.77
C GLN A 38 10.54 -9.39 24.25
N LYS A 39 11.37 -8.72 23.53
CA LYS A 39 11.77 -7.36 23.79
C LYS A 39 11.03 -6.43 22.84
N PRO A 40 10.76 -5.20 23.26
CA PRO A 40 10.03 -4.27 22.38
C PRO A 40 10.69 -4.18 21.02
N GLY A 41 9.91 -4.33 19.96
CA GLY A 41 10.43 -4.16 18.62
C GLY A 41 11.27 -5.31 18.08
N LYS A 42 11.48 -6.37 18.86
CA LYS A 42 12.37 -7.46 18.51
C LYS A 42 11.59 -8.76 18.39
N ALA A 43 12.28 -9.80 17.88
CA ALA A 43 11.65 -11.10 17.70
C ALA A 43 11.62 -11.84 19.03
N PRO A 44 10.59 -12.65 19.27
CA PRO A 44 10.60 -13.52 20.47
C PRO A 44 11.79 -14.47 20.50
N LYS A 45 12.26 -14.74 21.72
CA LYS A 45 13.32 -15.71 21.98
C LYS A 45 12.75 -16.88 22.78
N LEU A 46 12.95 -18.09 22.28
CA LEU A 46 12.60 -19.30 23.02
C LEU A 46 13.50 -19.46 24.24
N LEU A 47 12.88 -19.56 25.42
CA LEU A 47 13.58 -19.79 26.68
C LEU A 47 13.45 -21.23 27.17
N ILE A 48 12.24 -21.78 27.22
CA ILE A 48 12.04 -23.09 27.82
C ILE A 48 11.06 -23.89 26.98
N TYR A 49 11.27 -25.21 26.92
CA TYR A 49 10.35 -26.11 26.24
C TYR A 49 10.15 -27.34 27.10
N LYS A 50 9.16 -28.17 26.73
CA LYS A 50 8.69 -29.29 27.54
C LYS A 50 8.49 -28.93 29.02
N ALA A 51 7.93 -27.75 29.27
CA ALA A 51 7.54 -27.29 30.60
C ALA A 51 8.75 -26.90 31.45
N SER A 52 9.82 -27.71 31.39
CA SER A 52 10.95 -27.54 32.28
C SER A 52 12.31 -27.72 31.62
N THR A 53 12.38 -28.05 30.33
CA THR A 53 13.65 -28.27 29.65
C THR A 53 14.23 -26.94 29.17
N LEU A 54 15.43 -26.62 29.65
CA LEU A 54 16.08 -25.37 29.29
C LEU A 54 16.78 -25.53 27.93
N LYS A 55 16.51 -24.62 27.01
CA LYS A 55 17.20 -24.65 25.73
C LYS A 55 18.67 -24.30 25.87
N THR A 56 19.51 -25.01 25.10
CA THR A 56 20.95 -24.79 25.13
C THR A 56 21.21 -23.31 24.91
N GLY A 57 22.03 -22.71 25.77
CA GLY A 57 22.39 -21.32 25.61
C GLY A 57 21.61 -20.38 26.51
N VAL A 58 20.47 -20.82 27.06
CA VAL A 58 19.65 -19.94 27.89
C VAL A 58 20.22 -19.95 29.31
N PRO A 59 20.51 -18.79 29.90
CA PRO A 59 21.13 -18.77 31.23
C PRO A 59 20.33 -19.54 32.27
N SER A 60 21.06 -20.15 33.21
CA SER A 60 20.50 -21.02 34.24
C SER A 60 19.64 -20.26 35.26
N ARG A 61 19.58 -18.94 35.16
CA ARG A 61 18.73 -18.14 36.05
C ARG A 61 17.26 -18.36 35.76
N PHE A 62 16.92 -18.74 34.53
CA PHE A 62 15.58 -19.12 34.14
C PHE A 62 15.31 -20.59 34.43
N SER A 63 14.17 -20.87 35.05
CA SER A 63 13.79 -22.24 35.35
C SER A 63 12.28 -22.36 35.22
N GLY A 64 11.82 -23.44 34.61
CA GLY A 64 10.40 -23.66 34.39
C GLY A 64 9.95 -24.92 35.10
N SER A 65 8.73 -24.86 35.65
CA SER A 65 8.12 -25.97 36.36
C SER A 65 6.64 -25.99 36.05
N GLY A 66 6.00 -27.07 36.44
CA GLY A 66 4.56 -27.20 36.33
C GLY A 66 4.16 -28.40 35.48
N SER A 67 2.86 -28.67 35.51
CA SER A 67 2.31 -29.76 34.71
C SER A 67 0.79 -29.74 34.80
N GLY A 68 0.17 -30.51 33.89
CA GLY A 68 -1.27 -30.59 33.80
C GLY A 68 -1.88 -29.29 33.35
N THR A 69 -2.30 -28.51 34.34
CA THR A 69 -3.00 -27.27 34.12
C THR A 69 -2.29 -26.08 34.73
N GLU A 70 -1.30 -26.28 35.60
CA GLU A 70 -0.64 -25.13 36.21
C GLU A 70 0.86 -25.19 36.03
N PHE A 71 1.41 -24.10 35.51
CA PHE A 71 2.81 -23.99 35.16
C PHE A 71 3.35 -22.68 35.72
N THR A 72 4.64 -22.68 36.07
CA THR A 72 5.29 -21.50 36.58
C THR A 72 6.62 -21.33 35.85
N LEU A 73 6.94 -20.09 35.55
CA LEU A 73 8.26 -19.67 35.10
C LEU A 73 8.89 -18.87 36.23
N THR A 74 10.02 -19.34 36.74
CA THR A 74 10.71 -18.66 37.82
C THR A 74 12.04 -18.09 37.34
N ILE A 75 12.25 -16.82 37.61
CA ILE A 75 13.54 -16.17 37.40
C ILE A 75 14.09 -15.87 38.78
N SER A 76 15.18 -16.56 39.14
CA SER A 76 15.86 -16.36 40.42
C SER A 76 17.04 -15.43 40.17
N GLY A 77 17.01 -14.25 40.78
CA GLY A 77 18.05 -13.27 40.56
C GLY A 77 17.86 -12.46 39.29
N LEU A 78 16.70 -11.81 39.20
CA LEU A 78 16.37 -10.95 38.07
C LEU A 78 17.53 -10.02 37.72
N GLN A 79 17.92 -10.03 36.44
CA GLN A 79 18.95 -9.16 35.90
C GLN A 79 18.30 -8.09 35.04
N PHE A 80 19.12 -7.16 34.55
CA PHE A 80 18.58 -6.02 33.82
C PHE A 80 18.10 -6.43 32.44
N ASP A 81 18.94 -7.14 31.69
CA ASP A 81 18.56 -7.58 30.34
C ASP A 81 17.31 -8.50 30.35
N ASP A 82 16.86 -8.96 31.51
CA ASP A 82 15.67 -9.80 31.62
C ASP A 82 14.36 -9.02 31.63
N PHE A 83 14.40 -7.70 31.80
CA PHE A 83 13.17 -6.91 31.73
C PHE A 83 12.64 -6.91 30.31
N ALA A 84 11.46 -7.51 30.12
CA ALA A 84 10.90 -7.82 28.82
C ALA A 84 9.51 -8.41 29.02
N THR A 85 8.86 -8.80 27.93
CA THR A 85 7.57 -9.49 28.00
C THR A 85 7.77 -10.98 27.83
N TYR A 86 7.06 -11.78 28.64
CA TYR A 86 7.17 -13.23 28.56
C TYR A 86 5.84 -13.85 28.16
N HIS A 87 5.90 -14.77 27.19
CA HIS A 87 4.70 -15.44 26.68
C HIS A 87 4.81 -16.94 26.92
N CYS A 88 3.77 -17.54 27.50
CA CYS A 88 3.71 -18.99 27.54
C CYS A 88 2.99 -19.48 26.30
N GLN A 89 3.20 -20.74 25.96
CA GLN A 89 2.64 -21.26 24.72
C GLN A 89 2.39 -22.75 24.84
N HIS A 90 1.15 -23.15 24.58
CA HIS A 90 0.84 -24.56 24.36
C HIS A 90 1.13 -24.87 22.90
N TYR A 91 2.06 -25.79 22.66
CA TYR A 91 2.41 -26.23 21.32
C TYR A 91 1.98 -27.67 21.11
N ALA A 92 1.26 -27.89 20.02
CA ALA A 92 0.80 -29.20 19.56
C ALA A 92 1.46 -29.46 18.22
N GLY A 93 1.24 -30.66 17.67
CA GLY A 93 1.91 -31.02 16.42
C GLY A 93 1.68 -29.99 15.33
N TYR A 94 0.45 -29.49 15.22
CA TYR A 94 0.04 -28.70 14.06
C TYR A 94 -0.64 -27.39 14.44
N SER A 95 -0.49 -26.95 15.68
CA SER A 95 -1.05 -25.67 16.11
C SER A 95 -0.46 -25.26 17.45
N ALA A 96 -0.75 -24.03 17.85
CA ALA A 96 -0.32 -23.49 19.12
C ALA A 96 -1.30 -22.45 19.61
N THR A 97 -1.21 -22.15 20.91
CA THR A 97 -1.99 -21.09 21.55
C THR A 97 -1.10 -20.38 22.56
N PHE A 98 -1.15 -19.05 22.57
CA PHE A 98 -0.36 -18.26 23.51
C PHE A 98 -1.24 -17.65 24.61
N GLY A 99 -0.60 -17.37 25.74
CA GLY A 99 -1.19 -16.55 26.77
C GLY A 99 -1.23 -15.09 26.33
N GLN A 100 -1.76 -14.25 27.22
CA GLN A 100 -1.88 -12.83 26.92
C GLN A 100 -0.57 -12.08 27.02
N GLY A 101 0.48 -12.69 27.59
CA GLY A 101 1.75 -12.06 27.87
C GLY A 101 1.83 -11.47 29.26
N THR A 102 3.04 -11.45 29.81
CA THR A 102 3.32 -10.82 31.10
C THR A 102 4.47 -9.85 30.91
N ARG A 103 4.21 -8.58 31.20
CA ARG A 103 5.21 -7.54 31.10
C ARG A 103 5.93 -7.42 32.44
N VAL A 104 7.25 -7.57 32.41
CA VAL A 104 8.08 -7.40 33.60
C VAL A 104 8.74 -6.03 33.50
N GLU A 105 8.51 -5.20 34.51
CA GLU A 105 9.02 -3.84 34.50
C GLU A 105 9.81 -3.57 35.77
N ILE A 106 10.55 -2.47 35.76
CA ILE A 106 11.31 -2.03 36.93
C ILE A 106 10.36 -1.39 37.94
N LYS A 107 10.39 -1.88 39.17
CA LYS A 107 9.55 -1.31 40.22
C LYS A 107 10.10 0.05 40.64
N ARG A 108 9.19 1.01 40.83
CA ARG A 108 9.54 2.28 41.46
C ARG A 108 8.27 2.87 42.05
N THR A 109 8.43 4.00 42.72
CA THR A 109 7.30 4.66 43.34
C THR A 109 6.44 5.33 42.27
N VAL A 110 5.13 5.35 42.52
CA VAL A 110 4.20 6.08 41.67
C VAL A 110 4.64 7.54 41.50
N ALA A 111 4.52 8.04 40.28
CA ALA A 111 4.89 9.41 39.93
C ALA A 111 3.86 9.92 38.94
N ALA A 112 3.16 10.98 39.31
CA ALA A 112 2.16 11.58 38.43
C ALA A 112 2.85 12.22 37.21
N PRO A 113 2.21 12.18 36.04
CA PRO A 113 2.78 12.84 34.86
C PRO A 113 2.70 14.35 34.95
N SER A 114 3.63 15.01 34.26
CA SER A 114 3.48 16.42 33.93
C SER A 114 2.83 16.50 32.56
N VAL A 115 1.78 17.32 32.44
CA VAL A 115 0.97 17.36 31.22
C VAL A 115 1.16 18.69 30.52
N PHE A 116 1.40 18.63 29.22
CA PHE A 116 1.62 19.82 28.39
C PHE A 116 0.81 19.66 27.11
N ILE A 117 0.27 20.76 26.60
CA ILE A 117 -0.47 20.71 25.34
C ILE A 117 0.16 21.70 24.36
N PHE A 118 0.16 21.32 23.08
CA PHE A 118 0.81 22.11 22.02
C PHE A 118 -0.15 22.32 20.86
N PRO A 119 -0.54 23.55 20.57
CA PRO A 119 -1.34 23.83 19.39
C PRO A 119 -0.58 23.53 18.11
N PRO A 120 -1.26 23.46 16.98
CA PRO A 120 -0.56 23.28 15.71
C PRO A 120 0.24 24.54 15.36
N SER A 121 1.34 24.33 14.66
CA SER A 121 2.16 25.43 14.18
C SER A 121 1.43 26.17 13.07
N ASP A 122 1.73 27.45 12.95
CA ASP A 122 1.13 28.25 11.89
C ASP A 122 1.46 27.67 10.52
N GLU A 123 2.69 27.17 10.37
CA GLU A 123 3.13 26.57 9.11
C GLU A 123 2.25 25.39 8.72
N GLN A 124 2.02 24.48 9.66
CA GLN A 124 1.21 23.31 9.39
C GLN A 124 -0.23 23.72 9.08
N LEU A 125 -0.81 24.58 9.92
CA LEU A 125 -2.19 25.02 9.69
C LEU A 125 -2.35 25.54 8.27
N LYS A 126 -1.40 26.40 7.86
CA LYS A 126 -1.40 26.98 6.52
C LYS A 126 -1.38 25.89 5.45
N SER A 127 -0.63 24.81 5.69
CA SER A 127 -0.59 23.69 4.74
C SER A 127 -1.86 22.85 4.68
N GLY A 128 -2.84 23.11 5.54
CA GLY A 128 -4.14 22.45 5.48
C GLY A 128 -4.37 21.33 6.46
N THR A 129 -3.52 21.15 7.47
CA THR A 129 -3.63 20.07 8.43
C THR A 129 -3.33 20.65 9.81
N ALA A 130 -4.03 20.17 10.85
CA ALA A 130 -3.81 20.63 12.22
C ALA A 130 -3.51 19.47 13.15
N SER A 131 -2.27 19.36 13.61
CA SER A 131 -1.89 18.39 14.63
C SER A 131 -1.80 19.08 15.99
N VAL A 132 -2.55 18.59 16.97
CA VAL A 132 -2.51 19.07 18.35
C VAL A 132 -1.86 17.97 19.19
N VAL A 133 -0.86 18.32 19.99
CA VAL A 133 -0.08 17.30 20.69
C VAL A 133 -0.23 17.44 22.20
N CYS A 134 -0.54 16.33 22.88
CA CYS A 134 -0.64 16.28 24.33
C CYS A 134 0.49 15.38 24.82
N LEU A 135 1.31 15.90 25.73
CA LEU A 135 2.47 15.21 26.28
C LEU A 135 2.29 14.87 27.76
N LEU A 136 2.44 13.58 28.09
CA LEU A 136 2.50 13.11 29.47
C LEU A 136 3.94 12.75 29.78
N ASN A 137 4.56 13.49 30.70
CA ASN A 137 5.99 13.42 30.94
C ASN A 137 6.32 12.76 32.27
N ASN A 138 7.16 11.73 32.21
CA ASN A 138 7.79 11.06 33.36
C ASN A 138 6.77 10.63 34.43
N PHE A 139 5.97 9.63 34.08
CA PHE A 139 4.99 9.09 34.99
C PHE A 139 5.25 7.61 35.23
N TYR A 140 4.62 7.09 36.29
CA TYR A 140 4.68 5.67 36.62
C TYR A 140 3.50 5.31 37.51
N PRO A 141 2.81 4.19 37.25
CA PRO A 141 3.11 3.16 36.25
C PRO A 141 2.66 3.53 34.84
N ARG A 142 2.70 2.55 33.93
CA ARG A 142 2.44 2.83 32.52
C ARG A 142 0.98 3.14 32.20
N GLU A 143 0.04 2.57 32.96
CA GLU A 143 -1.38 2.76 32.63
C GLU A 143 -1.85 4.19 32.85
N ALA A 144 -2.30 4.84 31.78
CA ALA A 144 -2.88 6.17 31.81
C ALA A 144 -3.93 6.27 30.73
N LYS A 145 -4.97 7.08 30.93
CA LYS A 145 -5.89 7.30 29.83
C LYS A 145 -5.84 8.78 29.45
N VAL A 146 -5.84 9.02 28.14
CA VAL A 146 -5.84 10.36 27.58
C VAL A 146 -7.07 10.49 26.71
N GLN A 147 -7.90 11.48 27.00
CA GLN A 147 -9.10 11.73 26.22
C GLN A 147 -9.06 13.14 25.66
N TRP A 148 -9.31 13.28 24.36
CA TRP A 148 -9.41 14.59 23.73
C TRP A 148 -10.84 15.10 23.76
N LYS A 149 -11.02 16.39 24.06
CA LYS A 149 -12.31 17.04 23.95
C LYS A 149 -12.17 18.32 23.16
N VAL A 150 -13.02 18.50 22.15
CA VAL A 150 -13.03 19.70 21.32
C VAL A 150 -14.39 20.37 21.51
N ASP A 151 -14.39 21.54 22.15
CA ASP A 151 -15.61 22.20 22.59
C ASP A 151 -16.51 21.25 23.36
N ASN A 152 -15.89 20.50 24.28
CA ASN A 152 -16.56 19.60 25.22
C ASN A 152 -17.09 18.34 24.54
N ALA A 153 -16.90 18.18 23.24
CA ALA A 153 -17.31 16.96 22.55
C ALA A 153 -16.15 15.98 22.58
N LEU A 154 -16.37 14.82 23.19
CA LEU A 154 -15.36 13.78 23.25
C LEU A 154 -15.01 13.27 21.85
N GLN A 155 -13.72 13.14 21.59
CA GLN A 155 -13.22 12.73 20.28
C GLN A 155 -12.97 11.22 20.28
N SER A 156 -13.19 10.59 19.12
CA SER A 156 -12.82 9.19 18.97
C SER A 156 -12.34 8.94 17.55
N GLY A 157 -11.31 8.10 17.41
CA GLY A 157 -10.90 7.67 16.07
C GLY A 157 -10.01 8.63 15.31
N ASN A 158 -9.62 9.75 15.91
CA ASN A 158 -8.81 10.76 15.25
C ASN A 158 -7.56 11.13 16.05
N SER A 159 -7.09 10.23 16.90
CA SER A 159 -5.86 10.48 17.66
C SER A 159 -4.99 9.23 17.65
N GLN A 160 -3.69 9.46 17.83
CA GLN A 160 -2.69 8.41 17.91
C GLN A 160 -1.75 8.62 19.10
N GLU A 161 -1.36 7.53 19.74
CA GLU A 161 -0.44 7.59 20.88
C GLU A 161 0.86 6.88 20.56
N SER A 162 1.91 7.31 21.25
CA SER A 162 3.21 6.67 21.21
C SER A 162 3.76 6.72 22.63
N VAL A 163 4.26 5.58 23.11
CA VAL A 163 4.84 5.48 24.44
C VAL A 163 6.31 5.11 24.33
N THR A 164 7.13 5.72 25.18
CA THR A 164 8.55 5.45 25.26
C THR A 164 8.79 4.18 26.08
N GLU A 165 9.98 3.61 25.92
CA GLU A 165 10.38 2.54 26.80
C GLU A 165 10.72 3.10 28.17
N GLN A 166 10.78 2.21 29.17
CA GLN A 166 11.04 2.68 30.52
C GLN A 166 12.31 3.51 30.48
N ASP A 167 12.26 4.70 31.08
CA ASP A 167 13.42 5.58 30.99
C ASP A 167 14.62 5.05 31.76
N SER A 168 15.78 5.07 31.10
CA SER A 168 17.03 4.55 31.65
C SER A 168 17.41 5.17 32.99
N LYS A 169 16.96 6.38 33.29
CA LYS A 169 17.43 7.14 34.44
C LYS A 169 16.48 7.12 35.63
N ASP A 170 15.19 7.41 35.39
CA ASP A 170 14.20 7.50 36.46
C ASP A 170 13.14 6.41 36.41
N SER A 171 13.27 5.45 35.50
CA SER A 171 12.36 4.31 35.38
C SER A 171 10.92 4.75 35.05
N THR A 172 10.76 5.98 34.56
CA THR A 172 9.44 6.50 34.19
C THR A 172 9.16 6.26 32.72
N TYR A 173 7.91 6.50 32.32
CA TYR A 173 7.50 6.47 30.94
C TYR A 173 7.08 7.86 30.52
N SER A 174 7.09 8.12 29.22
CA SER A 174 6.52 9.33 28.68
C SER A 174 5.65 8.95 27.50
N LEU A 175 4.63 9.75 27.23
CA LEU A 175 3.64 9.41 26.21
C LEU A 175 3.26 10.66 25.43
N SER A 176 3.01 10.46 24.14
CA SER A 176 2.58 11.52 23.25
C SER A 176 1.29 11.09 22.57
N SER A 177 0.29 11.97 22.59
CA SER A 177 -0.94 11.74 21.85
C SER A 177 -1.07 12.89 20.86
N THR A 178 -1.32 12.54 19.60
CA THR A 178 -1.51 13.54 18.55
C THR A 178 -2.91 13.43 17.97
N LEU A 179 -3.66 14.52 18.06
CA LEU A 179 -4.96 14.68 17.43
C LEU A 179 -4.79 15.37 16.07
N THR A 180 -5.29 14.76 15.01
CA THR A 180 -5.15 15.32 13.66
C THR A 180 -6.52 15.70 13.11
N LEU A 181 -6.64 16.96 12.69
CA LEU A 181 -7.86 17.52 12.10
C LEU A 181 -7.56 18.24 10.80
N SER A 182 -8.55 18.31 9.92
CA SER A 182 -8.45 19.18 8.76
C SER A 182 -8.41 20.63 9.21
N LYS A 183 -7.71 21.48 8.44
CA LYS A 183 -7.68 22.92 8.73
C LYS A 183 -9.08 23.45 8.99
N ALA A 184 -10.04 23.06 8.14
CA ALA A 184 -11.41 23.56 8.25
C ALA A 184 -12.05 23.12 9.57
N ASP A 185 -11.94 21.83 9.88
CA ASP A 185 -12.44 21.33 11.17
C ASP A 185 -11.78 22.10 12.31
N TYR A 186 -10.44 22.20 12.29
CA TYR A 186 -9.76 22.87 13.39
C TYR A 186 -10.30 24.27 13.59
N GLU A 187 -10.61 24.97 12.48
CA GLU A 187 -11.06 26.36 12.56
C GLU A 187 -12.55 26.47 12.86
N LYS A 188 -13.28 25.36 12.88
CA LYS A 188 -14.70 25.36 13.21
C LYS A 188 -14.96 25.32 14.71
N HIS A 189 -13.93 25.14 15.53
CA HIS A 189 -14.03 25.02 16.97
C HIS A 189 -12.94 25.87 17.60
N LYS A 190 -13.11 26.20 18.88
CA LYS A 190 -12.12 27.06 19.54
C LYS A 190 -11.37 26.39 20.68
N VAL A 191 -12.01 25.73 21.65
CA VAL A 191 -11.29 25.30 22.85
C VAL A 191 -10.90 23.84 22.66
N TYR A 192 -9.60 23.57 22.80
CA TYR A 192 -9.05 22.23 22.65
C TYR A 192 -8.52 21.77 24.01
N ALA A 193 -8.88 20.56 24.42
CA ALA A 193 -8.48 20.10 25.74
C ALA A 193 -8.12 18.63 25.69
N CYS A 194 -7.21 18.25 26.58
CA CYS A 194 -6.77 16.87 26.77
CA CYS A 194 -6.83 16.86 26.77
C CYS A 194 -6.87 16.55 28.25
N GLU A 195 -7.62 15.51 28.59
CA GLU A 195 -7.89 15.09 29.96
C GLU A 195 -7.14 13.80 30.26
N VAL A 196 -6.29 13.85 31.28
CA VAL A 196 -5.39 12.79 31.65
C VAL A 196 -5.83 12.19 32.99
N THR A 197 -6.03 10.88 33.00
CA THR A 197 -6.34 10.16 34.23
C THR A 197 -5.18 9.20 34.49
N HIS A 198 -4.73 9.14 35.74
CA HIS A 198 -3.58 8.34 36.12
C HIS A 198 -3.57 8.09 37.62
N GLN A 199 -3.00 6.94 37.98
CA GLN A 199 -3.02 6.46 39.36
C GLN A 199 -2.30 7.42 40.31
N GLY A 200 -1.38 8.22 39.80
CA GLY A 200 -0.67 9.16 40.64
C GLY A 200 -1.37 10.48 40.82
N LEU A 201 -2.40 10.75 40.02
CA LEU A 201 -3.16 11.99 40.13
C LEU A 201 -4.37 11.80 41.04
N SER A 202 -4.55 12.75 41.97
CA SER A 202 -5.71 12.73 42.86
C SER A 202 -7.02 12.73 42.06
N SER A 203 -7.07 13.51 40.99
CA SER A 203 -8.22 13.53 40.10
C SER A 203 -7.69 13.83 38.70
N PRO A 204 -8.53 13.73 37.65
CA PRO A 204 -7.97 13.93 36.31
C PRO A 204 -7.55 15.36 36.09
N VAL A 205 -6.50 15.53 35.30
CA VAL A 205 -6.00 16.85 34.91
C VAL A 205 -6.38 17.15 33.47
N THR A 206 -6.93 18.33 33.24
CA THR A 206 -7.35 18.75 31.91
C THR A 206 -6.51 19.96 31.53
N LYS A 207 -5.79 19.85 30.42
CA LYS A 207 -5.06 20.99 29.88
C LYS A 207 -5.76 21.44 28.60
N SER A 208 -5.91 22.76 28.45
CA SER A 208 -6.66 23.29 27.31
C SER A 208 -6.08 24.60 26.81
N PHE A 209 -6.45 24.94 25.58
CA PHE A 209 -6.15 26.25 25.01
C PHE A 209 -7.29 26.71 24.11
N ASN A 210 -7.33 28.02 23.89
CA ASN A 210 -8.26 28.66 22.98
C ASN A 210 -7.57 28.91 21.64
N ARG A 211 -8.22 28.52 20.54
CA ARG A 211 -7.63 28.75 19.22
C ARG A 211 -7.41 30.25 19.05
N GLY A 212 -6.23 30.63 18.57
CA GLY A 212 -5.91 32.03 18.40
C GLY A 212 -5.28 32.71 19.60
N GLU A 213 -5.35 32.07 20.79
CA GLU A 213 -4.69 32.32 22.11
C GLU A 213 -5.63 33.19 22.96
N GLU B 1 23.15 -18.35 13.51
CA GLU B 1 23.31 -18.53 12.08
C GLU B 1 21.97 -18.55 11.35
N VAL B 2 21.10 -19.45 11.80
CA VAL B 2 19.79 -19.63 11.18
C VAL B 2 19.00 -18.32 11.19
N GLN B 3 18.51 -17.90 10.01
CA GLN B 3 17.81 -16.63 9.94
C GLN B 3 16.53 -16.79 9.12
N LEU B 4 15.54 -15.96 9.43
CA LEU B 4 14.32 -15.79 8.65
C LEU B 4 14.06 -14.31 8.42
N VAL B 5 13.42 -13.98 7.31
CA VAL B 5 12.98 -12.61 7.05
C VAL B 5 11.65 -12.59 6.32
N GLU B 6 10.69 -11.83 6.84
CA GLU B 6 9.40 -11.68 6.20
C GLU B 6 9.41 -10.46 5.28
N SER B 7 8.66 -10.55 4.19
CA SER B 7 8.50 -9.43 3.26
C SER B 7 7.02 -9.25 2.97
N GLY B 8 6.64 -8.03 2.62
CA GLY B 8 5.33 -7.78 2.07
C GLY B 8 4.42 -6.97 2.96
N GLY B 9 4.77 -6.77 4.23
CA GLY B 9 3.97 -5.99 5.15
C GLY B 9 3.62 -4.62 4.62
N GLY B 10 2.55 -4.02 5.13
CA GLY B 10 2.16 -2.72 4.64
C GLY B 10 0.84 -2.28 5.24
N LEU B 11 0.34 -1.16 4.70
CA LEU B 11 -0.94 -0.59 5.09
C LEU B 11 -1.98 -0.96 4.04
N VAL B 12 -3.08 -1.56 4.49
CA VAL B 12 -4.17 -1.97 3.62
C VAL B 12 -5.50 -1.50 4.19
N LYS B 13 -6.43 -1.16 3.28
CA LYS B 13 -7.78 -0.77 3.68
C LYS B 13 -8.63 -2.02 3.93
N ALA B 14 -9.48 -1.95 4.95
CA ALA B 14 -10.38 -3.03 5.33
C ALA B 14 -11.05 -3.68 4.13
N GLY B 15 -11.10 -5.03 4.16
CA GLY B 15 -11.68 -5.81 3.10
C GLY B 15 -10.71 -6.18 2.00
N GLY B 16 -9.55 -5.54 1.97
CA GLY B 16 -8.56 -5.75 0.94
C GLY B 16 -7.78 -7.03 1.16
N SER B 17 -6.78 -7.23 0.32
CA SER B 17 -5.95 -8.42 0.34
C SER B 17 -4.50 -8.00 0.44
N LEU B 18 -3.70 -8.89 1.03
CA LEU B 18 -2.27 -8.64 1.21
C LEU B 18 -1.57 -9.97 1.33
N ILE B 19 -0.43 -10.11 0.65
CA ILE B 19 0.33 -11.35 0.69
C ILE B 19 1.68 -11.07 1.33
N LEU B 20 2.05 -11.92 2.28
CA LEU B 20 3.34 -11.86 2.93
C LEU B 20 4.13 -13.08 2.49
N SER B 21 5.45 -12.96 2.49
CA SER B 21 6.33 -14.10 2.23
C SER B 21 7.39 -14.14 3.31
N CYS B 22 8.08 -15.26 3.37
CA CYS B 22 9.10 -15.45 4.37
C CYS B 22 10.20 -16.26 3.71
N GLY B 23 11.44 -15.78 3.83
CA GLY B 23 12.61 -16.45 3.31
C GLY B 23 13.52 -16.82 4.46
N VAL B 24 14.48 -17.69 4.19
CA VAL B 24 15.39 -18.14 5.24
C VAL B 24 16.83 -18.09 4.75
N SER B 25 17.74 -18.20 5.71
CA SER B 25 19.16 -18.34 5.48
C SER B 25 19.73 -19.40 6.40
N ASN B 26 20.65 -20.20 5.85
CA ASN B 26 21.46 -21.20 6.57
C ASN B 26 20.67 -22.42 7.04
N PHE B 27 19.47 -22.66 6.52
CA PHE B 27 18.87 -23.98 6.69
C PHE B 27 17.81 -24.16 5.61
N ARG B 28 17.36 -25.40 5.44
CA ARG B 28 16.29 -25.66 4.49
C ARG B 28 14.99 -25.87 5.26
N ILE B 29 13.89 -25.34 4.72
CA ILE B 29 12.59 -25.48 5.36
C ILE B 29 11.98 -26.86 5.20
N SER B 30 12.43 -27.61 4.20
CA SER B 30 11.77 -28.87 3.80
C SER B 30 11.39 -29.76 4.97
N ALA B 31 12.26 -29.89 5.96
CA ALA B 31 11.98 -30.78 7.08
C ALA B 31 11.19 -30.13 8.21
N HIS B 32 10.83 -28.85 8.10
CA HIS B 32 10.23 -28.12 9.21
C HIS B 32 8.78 -27.75 8.93
N THR B 33 7.93 -27.94 9.94
CA THR B 33 6.61 -27.33 9.95
C THR B 33 6.74 -25.84 10.18
N MET B 34 6.15 -25.03 9.31
CA MET B 34 6.32 -23.59 9.37
C MET B 34 5.06 -22.90 9.86
N ASN B 35 5.24 -21.82 10.61
CA ASN B 35 4.13 -21.17 11.28
C ASN B 35 4.18 -19.66 11.04
N TRP B 36 3.01 -19.05 11.15
CA TRP B 36 2.81 -17.61 11.18
C TRP B 36 2.17 -17.25 12.51
N VAL B 37 2.68 -16.19 13.15
CA VAL B 37 2.19 -15.71 14.43
C VAL B 37 2.14 -14.19 14.35
N ARG B 38 1.21 -13.56 15.07
CA ARG B 38 1.12 -12.12 15.05
C ARG B 38 1.03 -11.57 16.47
N ARG B 39 1.59 -10.38 16.65
CA ARG B 39 1.58 -9.66 17.91
C ARG B 39 0.67 -8.45 17.75
N VAL B 40 -0.45 -8.48 18.47
CA VAL B 40 -1.51 -7.47 18.39
C VAL B 40 -1.14 -6.28 19.25
N PRO B 41 -1.77 -5.10 19.05
CA PRO B 41 -1.32 -3.91 19.78
C PRO B 41 -1.30 -4.06 21.29
N GLY B 42 -2.18 -4.91 21.85
CA GLY B 42 -2.16 -5.14 23.28
C GLY B 42 -0.86 -5.71 23.80
N GLY B 43 -0.12 -6.42 22.94
CA GLY B 43 1.20 -6.93 23.26
C GLY B 43 1.30 -8.44 23.23
N GLY B 44 0.16 -9.12 23.28
CA GLY B 44 0.14 -10.57 23.27
C GLY B 44 0.35 -11.17 21.89
N LEU B 45 0.83 -12.40 21.89
CA LEU B 45 0.98 -13.14 20.64
C LEU B 45 -0.28 -13.95 20.37
N GLU B 46 -0.58 -14.08 19.07
CA GLU B 46 -1.69 -14.89 18.60
C GLU B 46 -1.15 -15.81 17.51
N TRP B 47 -1.33 -17.11 17.71
CA TRP B 47 -1.01 -18.05 16.65
C TRP B 47 -1.96 -17.84 15.48
N VAL B 48 -1.41 -17.84 14.27
CA VAL B 48 -2.17 -17.50 13.08
C VAL B 48 -2.31 -18.68 12.14
N ALA B 49 -1.19 -19.33 11.79
CA ALA B 49 -1.32 -20.45 10.86
C ALA B 49 -0.13 -21.38 10.98
N SER B 50 -0.35 -22.62 10.55
CA SER B 50 0.67 -23.65 10.54
C SER B 50 0.54 -24.46 9.26
N ILE B 51 1.67 -24.84 8.66
CA ILE B 51 1.71 -25.72 7.50
C ILE B 51 2.81 -26.76 7.71
N SER B 52 2.43 -28.04 7.69
CA SER B 52 3.36 -29.11 8.04
C SER B 52 4.30 -29.39 6.87
N THR B 53 5.22 -30.33 7.08
CA THR B 53 6.05 -30.82 6.00
C THR B 53 5.19 -31.40 4.89
N SER B 54 5.64 -31.28 3.64
CA SER B 54 4.96 -31.78 2.45
C SER B 54 3.60 -31.11 2.19
N SER B 55 3.26 -30.07 2.94
CA SER B 55 1.98 -29.35 2.85
C SER B 55 0.81 -30.25 3.20
N THR B 56 1.10 -31.33 3.93
CA THR B 56 0.08 -32.28 4.32
C THR B 56 -1.03 -31.66 5.17
N TYR B 57 -0.67 -30.75 6.08
CA TYR B 57 -1.64 -30.13 6.98
C TYR B 57 -1.57 -28.62 6.93
N ARG B 58 -2.73 -27.98 6.82
CA ARG B 58 -2.79 -26.53 7.00
C ARG B 58 -3.82 -26.23 8.07
N ASP B 59 -3.41 -25.50 9.10
CA ASP B 59 -4.29 -25.19 10.23
C ASP B 59 -4.25 -23.69 10.45
N TYR B 60 -5.39 -23.16 10.84
CA TYR B 60 -5.56 -21.72 10.98
C TYR B 60 -6.23 -21.42 12.32
N ALA B 61 -5.91 -20.24 12.86
CA ALA B 61 -6.67 -19.72 13.99
C ALA B 61 -8.12 -19.50 13.56
N ASP B 62 -9.05 -19.76 14.47
CA ASP B 62 -10.47 -19.61 14.13
C ASP B 62 -10.75 -18.23 13.57
N ALA B 63 -10.11 -17.20 14.13
CA ALA B 63 -10.33 -15.83 13.71
C ALA B 63 -10.01 -15.59 12.23
N VAL B 64 -9.16 -16.41 11.62
CA VAL B 64 -8.75 -16.24 10.23
C VAL B 64 -9.14 -17.36 9.29
N LYS B 65 -9.68 -18.50 9.74
CA LYS B 65 -10.10 -19.50 8.77
C LYS B 65 -11.09 -18.90 7.78
N GLY B 66 -10.90 -19.27 6.52
CA GLY B 66 -11.71 -18.80 5.43
C GLY B 66 -11.19 -17.54 4.75
N ARG B 67 -10.29 -16.80 5.40
CA ARG B 67 -9.78 -15.56 4.86
C ARG B 67 -8.31 -15.64 4.49
N PHE B 68 -7.54 -16.44 5.22
CA PHE B 68 -6.11 -16.57 5.03
C PHE B 68 -5.81 -17.95 4.44
N THR B 69 -4.77 -18.00 3.62
CA THR B 69 -4.24 -19.26 3.10
C THR B 69 -2.73 -19.25 3.30
N VAL B 70 -2.17 -20.34 3.82
CA VAL B 70 -0.72 -20.46 3.95
C VAL B 70 -0.21 -21.45 2.90
N SER B 71 0.96 -21.16 2.33
CA SER B 71 1.56 -22.05 1.35
C SER B 71 3.05 -22.18 1.64
N ARG B 72 3.64 -23.26 1.15
CA ARG B 72 5.07 -23.46 1.30
C ARG B 72 5.68 -23.86 -0.04
N ASP B 73 6.92 -23.42 -0.23
CA ASP B 73 7.70 -23.69 -1.44
C ASP B 73 9.05 -24.22 -0.94
N ASP B 74 9.11 -25.55 -0.76
CA ASP B 74 10.31 -26.19 -0.21
C ASP B 74 11.53 -26.00 -1.12
N LEU B 75 11.31 -25.98 -2.44
CA LEU B 75 12.44 -25.93 -3.36
C LEU B 75 13.22 -24.63 -3.29
N GLU B 76 12.56 -23.52 -2.97
CA GLU B 76 13.27 -22.25 -2.83
C GLU B 76 13.28 -21.76 -1.39
N ASP B 77 12.72 -22.53 -0.46
CA ASP B 77 12.68 -22.19 0.95
C ASP B 77 11.95 -20.86 1.17
N PHE B 78 10.68 -20.83 0.72
CA PHE B 78 9.80 -19.71 1.00
C PHE B 78 8.48 -20.19 1.58
N VAL B 79 7.87 -19.33 2.39
CA VAL B 79 6.52 -19.57 2.89
C VAL B 79 5.70 -18.33 2.55
N TYR B 80 4.42 -18.53 2.23
CA TYR B 80 3.55 -17.43 1.86
C TYR B 80 2.33 -17.40 2.77
N LEU B 81 1.83 -16.19 3.01
CA LEU B 81 0.55 -16.00 3.69
C LEU B 81 -0.34 -15.06 2.88
N GLN B 82 -1.42 -15.61 2.33
CA GLN B 82 -2.48 -14.88 1.66
C GLN B 82 -3.46 -14.40 2.72
N MET B 83 -3.76 -13.10 2.73
CA MET B 83 -4.75 -12.55 3.65
C MET B 83 -5.79 -11.84 2.82
N HIS B 84 -7.04 -12.31 2.91
CA HIS B 84 -8.15 -11.70 2.20
C HIS B 84 -9.21 -11.30 3.22
N LYS B 85 -10.20 -10.53 2.75
CA LYS B 85 -11.30 -10.04 3.59
C LYS B 85 -10.76 -9.53 4.92
N MET B 86 -9.69 -8.73 4.86
CA MET B 86 -8.98 -8.35 6.06
C MET B 86 -9.80 -7.41 6.93
N ARG B 87 -9.59 -7.51 8.24
CA ARG B 87 -10.37 -6.77 9.21
C ARG B 87 -9.43 -5.90 10.05
N VAL B 88 -10.00 -4.88 10.69
CA VAL B 88 -9.20 -3.98 11.53
C VAL B 88 -8.38 -4.75 12.55
N GLU B 89 -8.98 -5.78 13.17
CA GLU B 89 -8.29 -6.55 14.20
C GLU B 89 -7.20 -7.46 13.66
N ASP B 90 -6.96 -7.49 12.34
CA ASP B 90 -5.80 -8.19 11.80
C ASP B 90 -4.53 -7.35 11.89
N THR B 91 -4.65 -6.06 12.23
CA THR B 91 -3.51 -5.17 12.39
C THR B 91 -2.60 -5.71 13.50
N ALA B 92 -1.33 -5.94 13.16
CA ALA B 92 -0.38 -6.57 14.08
C ALA B 92 0.98 -6.65 13.39
N ILE B 93 1.99 -7.03 14.17
CA ILE B 93 3.29 -7.39 13.62
C ILE B 93 3.28 -8.88 13.35
N TYR B 94 3.58 -9.27 12.11
CA TYR B 94 3.57 -10.67 11.71
C TYR B 94 4.97 -11.25 11.68
N TYR B 95 5.13 -12.39 12.37
CA TYR B 95 6.37 -13.15 12.45
C TYR B 95 6.17 -14.50 11.80
N CYS B 96 7.25 -14.98 11.19
CA CYS B 96 7.32 -16.29 10.56
C CYS B 96 8.27 -17.14 11.39
N ALA B 97 7.77 -18.27 11.91
CA ALA B 97 8.49 -19.07 12.89
C ALA B 97 8.60 -20.51 12.42
N ARG B 98 9.71 -21.16 12.73
CA ARG B 98 9.86 -22.55 12.34
C ARG B 98 9.70 -23.42 13.59
N LYS B 99 9.17 -24.63 13.41
CA LYS B 99 9.15 -25.58 14.51
C LYS B 99 10.45 -26.37 14.39
N GLY B 100 11.25 -26.39 15.44
CA GLY B 100 12.56 -27.02 15.36
C GLY B 100 13.19 -27.24 16.71
N SER B 101 14.20 -28.10 16.72
CA SER B 101 15.01 -28.35 17.91
C SER B 101 16.34 -28.91 17.44
N ASP B 102 17.29 -29.01 18.38
CA ASP B 102 18.60 -29.56 18.03
C ASP B 102 18.47 -30.96 17.44
N ARG B 103 17.55 -31.76 17.97
CA ARG B 103 17.06 -32.97 17.33
C ARG B 103 15.56 -32.84 17.10
N LEU B 104 15.14 -32.94 15.84
CA LEU B 104 13.74 -32.81 15.49
C LEU B 104 12.92 -33.98 16.03
N SER B 105 11.83 -33.68 16.72
CA SER B 105 10.85 -34.66 17.18
C SER B 105 9.50 -34.33 16.53
N ASP B 106 8.48 -35.16 16.80
CA ASP B 106 7.16 -34.86 16.25
C ASP B 106 6.51 -33.61 16.84
N ASN B 107 7.07 -33.00 17.88
CA ASN B 107 6.44 -31.79 18.42
C ASN B 107 7.50 -31.00 19.20
N ASP B 108 8.13 -30.07 18.50
CA ASP B 108 9.15 -29.17 19.01
C ASP B 108 8.58 -27.77 19.10
N PRO B 109 9.13 -26.92 19.95
CA PRO B 109 8.63 -25.55 20.06
C PRO B 109 9.12 -24.70 18.89
N PHE B 110 8.71 -23.44 18.87
CA PHE B 110 9.12 -22.49 17.83
C PHE B 110 10.50 -21.94 18.22
N ASP B 111 11.56 -22.53 17.66
CA ASP B 111 12.93 -22.18 18.05
C ASP B 111 13.58 -21.07 17.22
N ALA B 112 13.02 -20.71 16.06
CA ALA B 112 13.59 -19.63 15.24
C ALA B 112 12.47 -18.79 14.66
N TRP B 113 12.62 -17.46 14.80
CA TRP B 113 11.62 -16.48 14.38
C TRP B 113 12.25 -15.42 13.48
N GLY B 114 11.44 -14.90 12.58
CA GLY B 114 11.83 -13.73 11.83
C GLY B 114 11.64 -12.46 12.63
N PRO B 115 12.22 -11.37 12.14
CA PRO B 115 12.12 -10.10 12.88
C PRO B 115 10.72 -9.51 12.87
N GLY B 116 9.89 -9.86 11.90
CA GLY B 116 8.53 -9.39 11.81
C GLY B 116 8.36 -8.34 10.73
N THR B 117 7.13 -8.24 10.24
CA THR B 117 6.76 -7.22 9.27
C THR B 117 5.43 -6.64 9.72
N VAL B 118 5.30 -5.32 9.67
CA VAL B 118 4.13 -4.65 10.23
C VAL B 118 3.00 -4.65 9.20
N VAL B 119 1.84 -5.16 9.62
CA VAL B 119 0.64 -5.16 8.80
C VAL B 119 -0.37 -4.29 9.51
N THR B 120 -0.92 -3.31 8.79
CA THR B 120 -1.86 -2.34 9.35
C THR B 120 -3.10 -2.29 8.48
N VAL B 121 -4.27 -2.51 9.08
CA VAL B 121 -5.54 -2.40 8.38
C VAL B 121 -6.20 -1.12 8.86
N SER B 122 -6.30 -0.13 7.97
CA SER B 122 -6.99 1.09 8.34
C SER B 122 -8.50 0.86 8.38
N PRO B 123 -9.21 1.58 9.25
CA PRO B 123 -10.61 1.21 9.52
C PRO B 123 -11.57 1.50 8.39
N ALA B 124 -11.37 2.58 7.65
CA ALA B 124 -12.30 2.95 6.59
C ALA B 124 -12.09 2.10 5.35
N SER B 125 -13.14 1.41 4.92
CA SER B 125 -13.13 0.56 3.73
C SER B 125 -13.55 1.31 2.47
N THR B 126 -14.04 2.54 2.61
CA THR B 126 -14.43 3.37 1.48
C THR B 126 -14.21 4.82 1.87
N LYS B 127 -14.25 5.70 0.87
CA LYS B 127 -14.16 7.13 1.10
C LYS B 127 -14.90 7.82 -0.03
N GLY B 128 -15.86 8.67 0.33
CA GLY B 128 -16.66 9.35 -0.65
C GLY B 128 -15.87 10.44 -1.36
N PRO B 129 -16.30 10.78 -2.57
CA PRO B 129 -15.54 11.73 -3.39
C PRO B 129 -15.82 13.18 -3.01
N SER B 130 -14.80 14.00 -3.17
CA SER B 130 -14.99 15.45 -3.20
C SER B 130 -15.13 15.91 -4.65
N VAL B 131 -16.09 16.80 -4.90
CA VAL B 131 -16.39 17.27 -6.25
C VAL B 131 -16.05 18.75 -6.35
N PHE B 132 -15.30 19.11 -7.39
CA PHE B 132 -14.91 20.50 -7.56
C PHE B 132 -15.28 20.97 -8.96
N PRO B 133 -15.70 22.23 -9.12
CA PRO B 133 -16.03 22.72 -10.47
C PRO B 133 -14.80 22.94 -11.33
N LEU B 134 -14.92 22.59 -12.61
CA LEU B 134 -14.02 23.01 -13.68
C LEU B 134 -14.80 24.08 -14.43
N ALA B 135 -14.60 25.35 -14.00
CA ALA B 135 -15.42 26.46 -14.46
C ALA B 135 -15.10 26.89 -15.91
N PRO B 136 -16.13 27.15 -16.71
CA PRO B 136 -15.93 27.60 -18.10
C PRO B 136 -15.44 29.05 -18.18
N SER B 137 -14.98 29.41 -19.38
CA SER B 137 -14.37 30.69 -19.80
C SER B 137 -13.08 30.45 -20.59
N GLY B 144 -17.81 30.55 -29.15
CA GLY B 144 -18.81 29.67 -29.73
C GLY B 144 -18.98 28.37 -28.98
N THR B 145 -17.86 27.70 -28.74
CA THR B 145 -17.86 26.42 -28.02
C THR B 145 -17.17 26.61 -26.67
N ALA B 146 -17.89 26.34 -25.58
CA ALA B 146 -17.34 26.40 -24.24
C ALA B 146 -17.25 25.00 -23.65
N ALA B 147 -16.35 24.81 -22.70
CA ALA B 147 -16.19 23.54 -22.02
C ALA B 147 -16.26 23.73 -20.51
N LEU B 148 -16.98 22.84 -19.82
CA LEU B 148 -17.11 22.91 -18.38
C LEU B 148 -17.20 21.50 -17.82
N GLY B 149 -17.00 21.34 -16.52
CA GLY B 149 -17.06 19.99 -16.00
C GLY B 149 -16.89 19.90 -14.50
N CYS B 150 -16.83 18.65 -14.01
CA CYS B 150 -16.64 18.36 -12.60
C CYS B 150 -15.43 17.46 -12.41
N LEU B 151 -14.63 17.76 -11.38
CA LEU B 151 -13.51 16.93 -10.97
C LEU B 151 -13.93 16.11 -9.74
N VAL B 152 -14.03 14.79 -9.91
CA VAL B 152 -14.43 13.88 -8.85
C VAL B 152 -13.15 13.29 -8.29
N LYS B 153 -12.77 13.71 -7.08
CA LYS B 153 -11.41 13.54 -6.57
C LYS B 153 -11.42 12.82 -5.21
N ASP B 154 -10.43 11.94 -5.01
CA ASP B 154 -10.17 11.34 -3.70
C ASP B 154 -11.32 10.46 -3.19
N TYR B 155 -11.66 9.44 -3.99
CA TYR B 155 -12.65 8.44 -3.61
C TYR B 155 -12.02 7.05 -3.70
N PHE B 156 -12.71 6.06 -3.12
CA PHE B 156 -12.25 4.68 -3.14
C PHE B 156 -13.32 3.76 -2.57
N PRO B 157 -13.56 2.57 -3.16
CA PRO B 157 -12.89 2.09 -4.36
C PRO B 157 -13.66 2.55 -5.59
N GLU B 158 -13.28 2.05 -6.77
CA GLU B 158 -14.10 2.29 -7.94
C GLU B 158 -15.36 1.42 -7.87
N PRO B 159 -16.43 1.81 -8.60
CA PRO B 159 -16.52 2.94 -9.53
C PRO B 159 -17.46 4.05 -9.02
N VAL B 160 -17.39 5.20 -9.67
CA VAL B 160 -18.42 6.23 -9.57
C VAL B 160 -19.15 6.34 -10.89
N THR B 161 -20.37 6.84 -10.83
CA THR B 161 -21.12 7.17 -12.03
C THR B 161 -21.42 8.66 -12.00
N VAL B 162 -21.40 9.29 -13.16
CA VAL B 162 -21.67 10.72 -13.26
C VAL B 162 -22.71 10.96 -14.35
N SER B 163 -23.76 11.69 -13.99
CA SER B 163 -24.73 12.17 -14.96
C SER B 163 -24.74 13.69 -14.91
N TRP B 164 -25.32 14.31 -15.92
CA TRP B 164 -25.40 15.77 -15.96
C TRP B 164 -26.85 16.18 -16.06
N ASN B 165 -27.29 17.03 -15.15
CA ASN B 165 -28.67 17.45 -15.05
C ASN B 165 -29.58 16.21 -15.01
N SER B 166 -29.25 15.31 -14.08
CA SER B 166 -29.96 14.04 -13.89
C SER B 166 -30.10 13.23 -15.19
N GLY B 167 -29.25 13.46 -16.18
CA GLY B 167 -29.23 12.65 -17.38
C GLY B 167 -29.77 13.32 -18.62
N ALA B 168 -30.48 14.45 -18.46
CA ALA B 168 -31.04 15.14 -19.62
C ALA B 168 -29.97 15.60 -20.61
N LEU B 169 -28.77 15.91 -20.13
CA LEU B 169 -27.68 16.36 -21.00
C LEU B 169 -26.73 15.21 -21.29
N THR B 170 -26.78 14.68 -22.51
CA THR B 170 -25.91 13.59 -22.94
C THR B 170 -24.99 13.92 -24.10
N SER B 171 -25.37 14.83 -25.00
CA SER B 171 -24.53 15.11 -26.15
C SER B 171 -23.32 15.94 -25.74
N GLY B 172 -22.15 15.51 -26.19
CA GLY B 172 -20.89 16.16 -25.90
C GLY B 172 -20.27 15.79 -24.57
N VAL B 173 -20.88 14.87 -23.81
CA VAL B 173 -20.36 14.49 -22.51
C VAL B 173 -19.26 13.45 -22.68
N HIS B 174 -18.17 13.62 -21.94
CA HIS B 174 -17.11 12.63 -21.84
C HIS B 174 -16.74 12.46 -20.38
N THR B 175 -16.84 11.23 -19.88
CA THR B 175 -16.38 10.87 -18.54
C THR B 175 -15.14 10.01 -18.66
N PHE B 176 -14.03 10.47 -18.09
CA PHE B 176 -12.76 9.83 -18.33
C PHE B 176 -12.53 8.67 -17.36
N PRO B 177 -11.75 7.68 -17.80
CA PRO B 177 -11.30 6.63 -16.89
C PRO B 177 -10.62 7.26 -15.68
N ALA B 178 -10.84 6.67 -14.50
CA ALA B 178 -10.20 7.22 -13.32
C ALA B 178 -8.72 6.89 -13.32
N VAL B 179 -7.94 7.72 -12.64
CA VAL B 179 -6.53 7.44 -12.41
C VAL B 179 -6.33 7.19 -10.93
N LEU B 180 -5.32 6.39 -10.61
CA LEU B 180 -4.97 6.11 -9.23
C LEU B 180 -3.83 7.06 -8.85
N GLN B 181 -4.12 7.97 -7.93
CA GLN B 181 -3.13 8.95 -7.50
C GLN B 181 -2.10 8.30 -6.58
N SER B 182 -0.94 8.94 -6.47
CA SER B 182 0.08 8.43 -5.56
C SER B 182 -0.43 8.31 -4.13
N SER B 183 -1.58 8.93 -3.82
CA SER B 183 -2.19 8.89 -2.50
C SER B 183 -2.98 7.62 -2.25
N GLY B 184 -3.13 6.77 -3.27
CA GLY B 184 -3.94 5.57 -3.16
C GLY B 184 -5.42 5.78 -3.32
N LEU B 185 -5.84 6.98 -3.70
CA LEU B 185 -7.23 7.28 -4.00
C LEU B 185 -7.39 7.59 -5.48
N TYR B 186 -8.60 7.39 -5.97
CA TYR B 186 -8.85 7.57 -7.39
C TYR B 186 -9.33 8.99 -7.67
N SER B 187 -9.20 9.39 -8.92
CA SER B 187 -9.68 10.69 -9.36
C SER B 187 -10.03 10.60 -10.84
N LEU B 188 -11.11 11.28 -11.21
CA LEU B 188 -11.52 11.35 -12.59
C LEU B 188 -12.21 12.69 -12.81
N SER B 189 -12.45 13.01 -14.06
CA SER B 189 -13.15 14.23 -14.41
C SER B 189 -14.23 13.88 -15.43
N SER B 190 -15.32 14.63 -15.40
CA SER B 190 -16.35 14.50 -16.42
C SER B 190 -16.60 15.89 -16.97
N VAL B 191 -16.60 16.00 -18.30
CA VAL B 191 -16.74 17.29 -18.96
C VAL B 191 -17.82 17.24 -20.04
N VAL B 192 -18.36 18.42 -20.33
CA VAL B 192 -19.34 18.60 -21.39
C VAL B 192 -19.00 19.91 -22.11
N THR B 193 -19.15 19.89 -23.44
CA THR B 193 -19.02 21.06 -24.30
C THR B 193 -20.41 21.61 -24.59
N VAL B 194 -20.56 22.93 -24.49
CA VAL B 194 -21.88 23.58 -24.59
C VAL B 194 -21.77 24.92 -25.32
N PRO B 195 -22.91 25.45 -25.77
CA PRO B 195 -22.94 26.74 -26.47
C PRO B 195 -22.47 27.89 -25.60
N SER B 196 -21.52 28.66 -26.13
CA SER B 196 -20.91 29.82 -25.50
C SER B 196 -21.96 30.82 -24.97
N SER B 197 -23.22 30.67 -25.36
CA SER B 197 -24.30 31.57 -24.99
C SER B 197 -25.28 30.95 -23.99
N SER B 198 -24.97 29.75 -23.50
CA SER B 198 -25.73 28.97 -22.53
C SER B 198 -25.31 29.28 -21.09
N LEU B 199 -24.18 29.97 -20.95
CA LEU B 199 -23.56 30.46 -19.71
C LEU B 199 -24.34 31.61 -19.07
N GLY B 200 -24.93 31.34 -17.89
CA GLY B 200 -25.83 32.22 -17.18
C GLY B 200 -27.32 32.03 -17.45
N THR B 201 -27.69 31.33 -18.52
CA THR B 201 -29.09 31.17 -18.91
C THR B 201 -29.55 29.76 -18.56
N GLN B 202 -28.94 28.75 -19.18
CA GLN B 202 -29.14 27.35 -18.84
C GLN B 202 -28.26 26.99 -17.65
N THR B 203 -28.86 26.34 -16.65
CA THR B 203 -28.13 25.83 -15.48
C THR B 203 -27.56 24.44 -15.73
N TYR B 204 -26.35 24.23 -15.22
CA TYR B 204 -25.60 22.97 -15.30
C TYR B 204 -25.20 22.44 -13.93
N ILE B 205 -25.66 21.22 -13.62
CA ILE B 205 -25.44 20.57 -12.33
C ILE B 205 -25.03 19.12 -12.62
N CYS B 206 -23.82 18.76 -12.21
CA CYS B 206 -23.32 17.39 -12.32
C CYS B 206 -23.72 16.59 -11.08
N ASN B 207 -24.24 15.39 -11.33
CA ASN B 207 -24.69 14.47 -10.29
C ASN B 207 -23.75 13.26 -10.20
N VAL B 208 -23.00 13.20 -9.11
CA VAL B 208 -22.04 12.14 -8.83
C VAL B 208 -22.68 11.12 -7.92
N ASN B 209 -22.53 9.84 -8.26
CA ASN B 209 -23.02 8.74 -7.44
C ASN B 209 -21.83 7.81 -7.15
N HIS B 210 -21.57 7.58 -5.87
CA HIS B 210 -20.57 6.62 -5.41
C HIS B 210 -21.25 5.53 -4.61
N LYS B 211 -21.79 4.54 -5.34
CA LYS B 211 -22.58 3.47 -4.73
C LYS B 211 -21.84 2.77 -3.58
N PRO B 212 -20.55 2.40 -3.73
CA PRO B 212 -19.83 1.75 -2.61
C PRO B 212 -19.89 2.46 -1.27
N SER B 213 -20.07 3.78 -1.27
CA SER B 213 -20.14 4.54 -0.04
C SER B 213 -21.49 5.24 0.11
N ASN B 214 -22.50 4.76 -0.63
CA ASN B 214 -23.84 5.35 -0.64
C ASN B 214 -23.77 6.88 -0.66
N THR B 215 -22.81 7.44 -1.40
CA THR B 215 -22.64 8.88 -1.47
C THR B 215 -23.22 9.45 -2.75
N LYS B 216 -24.01 10.51 -2.61
CA LYS B 216 -24.56 11.23 -3.75
C LYS B 216 -24.18 12.68 -3.59
N VAL B 217 -23.76 13.32 -4.68
CA VAL B 217 -23.29 14.71 -4.60
C VAL B 217 -23.77 15.45 -5.85
N ASP B 218 -24.51 16.52 -5.65
CA ASP B 218 -24.91 17.40 -6.75
C ASP B 218 -24.12 18.69 -6.68
N LYS B 219 -23.60 19.14 -7.82
CA LYS B 219 -22.74 20.31 -7.85
C LYS B 219 -23.10 21.20 -9.02
N LYS B 220 -23.49 22.45 -8.71
CA LYS B 220 -23.78 23.44 -9.73
C LYS B 220 -22.46 24.00 -10.22
N VAL B 221 -22.26 24.00 -11.55
CA VAL B 221 -21.07 24.61 -12.14
C VAL B 221 -21.49 25.90 -12.81
N GLU B 222 -21.09 27.04 -12.26
CA GLU B 222 -21.44 28.32 -12.82
C GLU B 222 -20.20 29.08 -13.29
N PRO B 223 -20.37 30.05 -14.19
CA PRO B 223 -19.21 30.84 -14.67
C PRO B 223 -18.47 31.58 -13.56
N LYS B 224 -17.18 31.80 -13.81
CA LYS B 224 -16.20 32.64 -13.07
C LYS B 224 -14.81 32.00 -13.13
N ALA C 1 16.11 -14.37 -26.00
CA ALA C 1 17.11 -14.12 -27.02
C ALA C 1 16.51 -14.08 -28.44
N VAL C 2 15.21 -14.35 -28.55
CA VAL C 2 14.45 -14.08 -29.77
C VAL C 2 13.75 -12.73 -29.66
N VAL C 3 14.09 -11.81 -30.55
CA VAL C 3 13.45 -10.50 -30.63
C VAL C 3 12.28 -10.58 -31.60
N MET C 4 11.08 -10.22 -31.14
CA MET C 4 9.89 -10.23 -31.99
C MET C 4 9.56 -8.80 -32.39
N THR C 5 9.55 -8.53 -33.70
CA THR C 5 9.27 -7.21 -34.22
C THR C 5 7.94 -7.27 -34.96
N GLN C 6 6.94 -6.55 -34.46
CA GLN C 6 5.59 -6.54 -35.01
C GLN C 6 5.41 -5.31 -35.90
N SER C 7 4.64 -5.45 -36.98
CA SER C 7 4.43 -4.34 -37.90
C SER C 7 3.06 -4.38 -38.56
N PRO C 8 2.37 -3.23 -38.68
CA PRO C 8 2.86 -1.94 -38.20
C PRO C 8 2.57 -1.76 -36.73
N SER C 9 2.94 -0.61 -36.16
CA SER C 9 2.66 -0.39 -34.76
C SER C 9 1.20 0.02 -34.55
N THR C 10 0.65 0.77 -35.49
CA THR C 10 -0.75 1.16 -35.46
C THR C 10 -1.31 0.93 -36.86
N LEU C 11 -2.50 0.34 -36.92
CA LEU C 11 -3.15 0.05 -38.20
C LEU C 11 -4.53 0.67 -38.20
N SER C 12 -4.70 1.70 -39.02
CA SER C 12 -5.95 2.44 -39.12
C SER C 12 -6.71 1.90 -40.32
N ALA C 13 -7.97 1.51 -40.11
CA ALA C 13 -8.76 0.89 -41.17
C ALA C 13 -10.24 1.20 -40.97
N SER C 14 -11.07 0.59 -41.82
CA SER C 14 -12.52 0.76 -41.79
C SER C 14 -13.19 -0.61 -41.71
N VAL C 15 -14.42 -0.61 -41.17
CA VAL C 15 -15.23 -1.82 -41.13
C VAL C 15 -15.33 -2.41 -42.54
N GLY C 16 -15.19 -3.73 -42.64
CA GLY C 16 -15.30 -4.39 -43.91
C GLY C 16 -13.97 -4.65 -44.60
N ASP C 17 -12.91 -3.95 -44.20
CA ASP C 17 -11.62 -4.12 -44.85
C ASP C 17 -11.03 -5.49 -44.52
N THR C 18 -10.14 -5.94 -45.40
CA THR C 18 -9.26 -7.07 -45.13
C THR C 18 -7.89 -6.49 -44.81
N ILE C 19 -7.38 -6.81 -43.62
CA ILE C 19 -6.13 -6.26 -43.14
C ILE C 19 -5.14 -7.36 -42.83
N THR C 20 -3.86 -6.98 -42.83
CA THR C 20 -2.74 -7.87 -42.62
C THR C 20 -1.77 -7.28 -41.60
N ILE C 21 -1.46 -8.07 -40.58
CA ILE C 21 -0.49 -7.73 -39.56
C ILE C 21 0.70 -8.66 -39.73
N THR C 22 1.91 -8.10 -39.78
CA THR C 22 3.12 -8.88 -39.98
C THR C 22 3.87 -9.02 -38.67
N CYS C 23 4.48 -10.19 -38.45
CA CYS C 23 5.29 -10.46 -37.27
C CYS C 23 6.59 -11.09 -37.76
N ARG C 24 7.73 -10.56 -37.31
CA ARG C 24 9.03 -11.04 -37.74
C ARG C 24 9.86 -11.46 -36.53
N ALA C 25 10.55 -12.59 -36.67
CA ALA C 25 11.40 -13.13 -35.63
C ALA C 25 12.85 -12.94 -36.01
N SER C 26 13.68 -12.57 -35.03
CA SER C 26 15.09 -12.35 -35.27
C SER C 26 15.82 -13.63 -35.69
N GLN C 27 15.23 -14.79 -35.45
CA GLN C 27 15.79 -16.07 -35.89
C GLN C 27 14.67 -17.07 -36.04
N SER C 28 14.97 -18.19 -36.73
CA SER C 28 13.95 -19.16 -37.07
C SER C 28 13.30 -19.74 -35.81
N ILE C 29 11.97 -19.72 -35.78
CA ILE C 29 11.17 -20.28 -34.70
C ILE C 29 10.14 -21.30 -35.23
N GLU C 30 10.42 -21.88 -36.38
CA GLU C 30 9.53 -22.85 -37.04
C GLU C 30 8.12 -22.30 -37.15
N THR C 31 7.13 -22.99 -36.58
CA THR C 31 5.77 -22.50 -36.52
C THR C 31 5.28 -22.29 -35.09
N TRP C 32 6.19 -22.12 -34.13
CA TRP C 32 5.85 -21.88 -32.72
C TRP C 32 5.46 -20.43 -32.46
N LEU C 33 4.33 -20.03 -33.06
CA LEU C 33 3.89 -18.65 -32.96
C LEU C 33 2.39 -18.61 -32.73
N ALA C 34 1.96 -17.76 -31.81
CA ALA C 34 0.56 -17.64 -31.44
C ALA C 34 0.16 -16.17 -31.57
N TRP C 35 -1.11 -15.95 -31.86
CA TRP C 35 -1.71 -14.63 -31.93
C TRP C 35 -2.82 -14.50 -30.90
N TYR C 36 -2.83 -13.35 -30.21
CA TYR C 36 -3.79 -13.04 -29.17
C TYR C 36 -4.46 -11.72 -29.49
N GLN C 37 -5.72 -11.58 -29.09
CA GLN C 37 -6.42 -10.31 -29.12
C GLN C 37 -6.66 -9.82 -27.70
N GLN C 38 -6.57 -8.50 -27.52
CA GLN C 38 -6.86 -7.89 -26.24
C GLN C 38 -7.62 -6.59 -26.42
N LYS C 39 -8.73 -6.45 -25.69
CA LYS C 39 -9.45 -5.19 -25.73
C LYS C 39 -9.07 -4.37 -24.50
N PRO C 40 -9.19 -3.05 -24.57
CA PRO C 40 -8.75 -2.19 -23.45
C PRO C 40 -9.31 -2.65 -22.12
N GLY C 41 -8.40 -2.88 -21.15
CA GLY C 41 -8.78 -3.23 -19.80
C GLY C 41 -9.34 -4.63 -19.63
N LYS C 42 -9.24 -5.46 -20.65
CA LYS C 42 -9.80 -6.80 -20.64
C LYS C 42 -8.63 -7.78 -20.69
N ALA C 43 -8.92 -9.04 -20.43
CA ALA C 43 -7.85 -10.03 -20.50
C ALA C 43 -7.57 -10.40 -21.95
N PRO C 44 -6.33 -10.77 -22.28
CA PRO C 44 -6.04 -11.27 -23.63
C PRO C 44 -6.89 -12.48 -23.97
N LYS C 45 -7.17 -12.63 -25.27
CA LYS C 45 -7.90 -13.77 -25.81
C LYS C 45 -7.06 -14.48 -26.85
N LEU C 46 -6.84 -15.78 -26.65
CA LEU C 46 -6.09 -16.57 -27.60
C LEU C 46 -6.90 -16.78 -28.88
N LEU C 47 -6.33 -16.38 -30.02
CA LEU C 47 -6.96 -16.54 -31.31
C LEU C 47 -6.34 -17.66 -32.13
N ILE C 48 -5.02 -17.65 -32.29
CA ILE C 48 -4.35 -18.57 -33.21
C ILE C 48 -3.12 -19.12 -32.52
N TYR C 49 -2.86 -20.41 -32.70
CA TYR C 49 -1.62 -21.01 -32.22
C TYR C 49 -1.06 -21.91 -33.29
N LYS C 50 0.16 -22.38 -33.05
CA LYS C 50 0.92 -23.14 -34.05
C LYS C 50 0.93 -22.44 -35.40
N ALA C 51 1.03 -21.10 -35.37
CA ALA C 51 1.14 -20.23 -36.54
C ALA C 51 -0.15 -20.09 -37.34
N SER C 52 -0.93 -21.16 -37.50
CA SER C 52 -2.07 -21.13 -38.41
C SER C 52 -3.31 -21.86 -37.89
N THR C 53 -3.25 -22.48 -36.72
CA THR C 53 -4.38 -23.17 -36.12
C THR C 53 -5.21 -22.22 -35.29
N LEU C 54 -6.50 -22.06 -35.64
CA LEU C 54 -7.40 -21.28 -34.81
C LEU C 54 -7.91 -22.15 -33.67
N LYS C 55 -7.87 -21.64 -32.44
CA LYS C 55 -8.53 -22.33 -31.35
C LYS C 55 -10.03 -22.35 -31.56
N THR C 56 -10.68 -23.37 -30.99
CA THR C 56 -12.13 -23.49 -31.05
C THR C 56 -12.79 -22.20 -30.60
N GLY C 57 -13.80 -21.75 -31.35
CA GLY C 57 -14.52 -20.55 -30.98
C GLY C 57 -14.04 -19.27 -31.63
N VAL C 58 -12.95 -19.31 -32.39
CA VAL C 58 -12.39 -18.12 -33.03
C VAL C 58 -13.04 -18.00 -34.41
N PRO C 59 -13.70 -16.88 -34.72
CA PRO C 59 -14.40 -16.77 -36.00
C PRO C 59 -13.47 -16.98 -37.17
N SER C 60 -14.04 -17.54 -38.24
CA SER C 60 -13.29 -17.93 -39.43
C SER C 60 -12.76 -16.75 -40.22
N ARG C 61 -13.15 -15.52 -39.88
CA ARG C 61 -12.62 -14.35 -40.55
C ARG C 61 -11.14 -14.15 -40.23
N PHE C 62 -10.66 -14.75 -39.13
CA PHE C 62 -9.28 -14.70 -38.69
C PHE C 62 -8.47 -15.84 -39.33
N SER C 63 -7.28 -15.53 -39.83
CA SER C 63 -6.40 -16.56 -40.34
C SER C 63 -4.96 -16.20 -40.07
N GLY C 64 -4.11 -17.20 -40.07
CA GLY C 64 -2.69 -17.00 -39.82
C GLY C 64 -1.89 -17.83 -40.80
N SER C 65 -0.71 -17.30 -41.12
CA SER C 65 0.20 -17.94 -42.04
C SER C 65 1.62 -17.56 -41.67
N GLY C 66 2.58 -18.21 -42.33
CA GLY C 66 3.97 -17.87 -42.12
C GLY C 66 4.82 -18.99 -41.55
N SER C 67 6.13 -18.86 -41.72
CA SER C 67 7.07 -19.77 -41.09
C SER C 67 8.45 -19.15 -41.03
N GLY C 68 9.31 -19.77 -40.21
CA GLY C 68 10.66 -19.29 -40.08
C GLY C 68 10.69 -18.06 -39.22
N THR C 69 10.75 -16.94 -39.93
CA THR C 69 10.86 -15.62 -39.34
C THR C 69 9.71 -14.72 -39.74
N GLU C 70 8.90 -15.08 -40.73
CA GLU C 70 7.84 -14.20 -41.20
C GLU C 70 6.47 -14.84 -41.04
N PHE C 71 5.61 -14.17 -40.27
CA PHE C 71 4.27 -14.64 -39.98
C PHE C 71 3.29 -13.52 -40.28
N THR C 72 2.07 -13.91 -40.65
CA THR C 72 1.04 -12.96 -41.00
C THR C 72 -0.26 -13.34 -40.32
N LEU C 73 -0.91 -12.34 -39.73
CA LEU C 73 -2.27 -12.44 -39.23
C LEU C 73 -3.13 -11.69 -40.23
N THR C 74 -4.15 -12.35 -40.76
CA THR C 74 -5.06 -11.72 -41.69
C THR C 74 -6.45 -11.70 -41.07
N ILE C 75 -7.12 -10.56 -41.20
CA ILE C 75 -8.52 -10.44 -40.82
C ILE C 75 -9.29 -10.06 -42.08
N SER C 76 -10.10 -10.99 -42.58
CA SER C 76 -10.86 -10.81 -43.80
C SER C 76 -12.27 -10.39 -43.42
N GLY C 77 -12.57 -9.10 -43.56
CA GLY C 77 -13.87 -8.60 -43.19
C GLY C 77 -13.95 -8.03 -41.79
N LEU C 78 -13.24 -6.93 -41.57
CA LEU C 78 -13.22 -6.25 -40.28
C LEU C 78 -14.63 -5.96 -39.78
N GLN C 79 -14.94 -6.40 -38.56
CA GLN C 79 -16.16 -6.02 -37.88
C GLN C 79 -15.85 -5.06 -36.74
N PHE C 80 -16.86 -4.76 -35.93
CA PHE C 80 -16.69 -3.86 -34.79
CA PHE C 80 -16.65 -3.87 -34.81
C PHE C 80 -16.12 -4.58 -33.57
N ASP C 81 -16.40 -5.88 -33.44
CA ASP C 81 -15.76 -6.67 -32.38
C ASP C 81 -14.27 -6.84 -32.60
N ASP C 82 -13.76 -6.58 -33.80
CA ASP C 82 -12.36 -6.81 -34.12
C ASP C 82 -11.44 -5.63 -33.80
N PHE C 83 -11.97 -4.44 -33.54
CA PHE C 83 -11.11 -3.32 -33.16
C PHE C 83 -10.59 -3.51 -31.74
N ALA C 84 -9.27 -3.64 -31.61
CA ALA C 84 -8.60 -4.08 -30.41
C ALA C 84 -7.10 -4.06 -30.66
N THR C 85 -6.29 -4.44 -29.67
CA THR C 85 -4.86 -4.61 -29.90
C THR C 85 -4.57 -6.09 -30.13
N TYR C 86 -3.71 -6.38 -31.10
CA TYR C 86 -3.29 -7.75 -31.38
C TYR C 86 -1.82 -7.96 -31.07
N HIS C 87 -1.53 -9.08 -30.42
CA HIS C 87 -0.18 -9.42 -29.96
C HIS C 87 0.28 -10.74 -30.57
N CYS C 88 1.49 -10.75 -31.15
CA CYS C 88 2.07 -12.02 -31.57
C CYS C 88 2.94 -12.53 -30.42
N GLN C 89 3.24 -13.83 -30.43
CA GLN C 89 3.99 -14.41 -29.32
C GLN C 89 4.72 -15.66 -29.76
N HIS C 90 6.04 -15.70 -29.57
CA HIS C 90 6.78 -16.94 -29.69
C HIS C 90 6.70 -17.63 -28.32
N TYR C 91 6.21 -18.86 -28.31
CA TYR C 91 6.13 -19.67 -27.10
C TYR C 91 7.03 -20.89 -27.20
N ALA C 92 7.86 -21.08 -26.18
CA ALA C 92 8.76 -22.21 -25.99
C ALA C 92 8.30 -23.00 -24.77
N GLY C 93 8.96 -24.14 -24.55
CA GLY C 93 8.52 -25.00 -23.45
C GLY C 93 8.44 -24.27 -22.12
N TYR C 94 9.38 -23.37 -21.85
CA TYR C 94 9.51 -22.84 -20.50
C TYR C 94 9.73 -21.33 -20.49
N SER C 95 9.49 -20.65 -21.62
CA SER C 95 9.59 -19.20 -21.70
C SER C 95 8.82 -18.74 -22.93
N ALA C 96 8.65 -17.41 -23.03
CA ALA C 96 7.97 -16.84 -24.20
C ALA C 96 8.45 -15.40 -24.40
N THR C 97 8.18 -14.88 -25.59
CA THR C 97 8.41 -13.46 -25.87
C THR C 97 7.27 -12.93 -26.73
N PHE C 98 6.88 -11.68 -26.45
CA PHE C 98 5.78 -11.02 -27.15
C PHE C 98 6.32 -9.89 -28.02
N GLY C 99 5.58 -9.61 -29.11
CA GLY C 99 5.79 -8.39 -29.84
C GLY C 99 5.27 -7.17 -29.10
N GLN C 100 5.55 -5.99 -29.65
CA GLN C 100 5.15 -4.74 -29.01
C GLN C 100 3.64 -4.52 -29.09
N GLY C 101 2.95 -5.23 -29.95
CA GLY C 101 1.52 -5.05 -30.08
C GLY C 101 1.16 -4.09 -31.19
N THR C 102 0.00 -4.32 -31.80
CA THR C 102 -0.50 -3.52 -32.91
C THR C 102 -1.93 -3.12 -32.58
N ARG C 103 -2.17 -1.82 -32.49
CA ARG C 103 -3.49 -1.29 -32.17
CA ARG C 103 -3.49 -1.29 -32.17
C ARG C 103 -4.26 -1.05 -33.46
N VAL C 104 -5.39 -1.74 -33.61
CA VAL C 104 -6.26 -1.61 -34.78
C VAL C 104 -7.38 -0.64 -34.43
N GLU C 105 -7.51 0.42 -35.21
CA GLU C 105 -8.47 1.46 -34.90
C GLU C 105 -9.29 1.78 -36.14
N ILE C 106 -10.35 2.56 -35.92
CA ILE C 106 -11.23 3.02 -36.99
C ILE C 106 -10.62 4.20 -37.75
N LYS C 107 -10.60 4.09 -39.07
CA LYS C 107 -10.08 5.16 -39.90
C LYS C 107 -11.07 6.32 -39.91
N ARG C 108 -10.56 7.54 -39.77
CA ARG C 108 -11.35 8.74 -40.00
C ARG C 108 -10.39 9.84 -40.41
N THR C 109 -10.95 11.02 -40.69
CA THR C 109 -10.13 12.15 -41.08
C THR C 109 -9.45 12.71 -39.84
N VAL C 110 -8.24 13.24 -40.02
CA VAL C 110 -7.58 13.93 -38.92
C VAL C 110 -8.45 15.05 -38.41
N ALA C 111 -8.43 15.25 -37.09
CA ALA C 111 -9.19 16.31 -36.46
C ALA C 111 -8.34 16.88 -35.33
N ALA C 112 -8.10 18.19 -35.37
CA ALA C 112 -7.34 18.81 -34.30
C ALA C 112 -8.17 18.81 -33.02
N PRO C 113 -7.52 18.70 -31.86
CA PRO C 113 -8.25 18.73 -30.59
C PRO C 113 -8.74 20.14 -30.28
N SER C 114 -9.87 20.23 -29.56
CA SER C 114 -10.20 21.48 -28.89
C SER C 114 -9.52 21.40 -27.53
N VAL C 115 -8.83 22.47 -27.14
CA VAL C 115 -8.05 22.45 -25.90
C VAL C 115 -8.64 23.44 -24.90
N PHE C 116 -8.74 22.99 -23.65
CA PHE C 116 -9.26 23.82 -22.58
C PHE C 116 -8.40 23.62 -21.35
N ILE C 117 -8.25 24.69 -20.55
CA ILE C 117 -7.56 24.61 -19.27
C ILE C 117 -8.46 25.09 -18.16
N PHE C 118 -8.40 24.41 -17.02
CA PHE C 118 -9.21 24.71 -15.84
C PHE C 118 -8.35 24.89 -14.60
N PRO C 119 -8.34 26.08 -14.01
CA PRO C 119 -7.65 26.28 -12.73
C PRO C 119 -8.31 25.51 -11.61
N PRO C 120 -7.59 25.26 -10.51
CA PRO C 120 -8.22 24.70 -9.31
C PRO C 120 -9.33 25.61 -8.77
N SER C 121 -10.39 24.99 -8.27
CA SER C 121 -11.41 25.74 -7.58
C SER C 121 -10.85 26.23 -6.24
N ASP C 122 -11.36 27.38 -5.80
CA ASP C 122 -10.94 27.90 -4.50
C ASP C 122 -11.22 26.93 -3.36
N GLU C 123 -12.30 26.16 -3.44
CA GLU C 123 -12.59 25.16 -2.40
C GLU C 123 -11.43 24.18 -2.27
N GLN C 124 -10.98 23.63 -3.40
CA GLN C 124 -9.84 22.73 -3.41
C GLN C 124 -8.62 23.42 -2.83
N LEU C 125 -8.34 24.64 -3.30
CA LEU C 125 -7.18 25.38 -2.80
C LEU C 125 -7.24 25.50 -1.28
N LYS C 126 -8.43 25.78 -0.74
CA LYS C 126 -8.59 25.99 0.68
C LYS C 126 -8.24 24.72 1.44
N SER C 127 -8.48 23.55 0.82
CA SER C 127 -8.21 22.29 1.51
C SER C 127 -6.76 21.83 1.37
N GLY C 128 -5.92 22.58 0.64
CA GLY C 128 -4.49 22.32 0.57
C GLY C 128 -3.93 21.75 -0.72
N THR C 129 -4.75 21.51 -1.74
CA THR C 129 -4.26 20.89 -2.97
C THR C 129 -4.74 21.69 -4.17
N ALA C 130 -3.97 21.64 -5.27
CA ALA C 130 -4.27 22.40 -6.47
C ALA C 130 -4.11 21.50 -7.69
N SER C 131 -5.24 21.08 -8.27
CA SER C 131 -5.22 20.32 -9.52
C SER C 131 -5.60 21.26 -10.67
N VAL C 132 -4.74 21.33 -11.67
CA VAL C 132 -5.00 22.08 -12.90
C VAL C 132 -5.26 21.06 -14.00
N VAL C 133 -6.32 21.26 -14.79
CA VAL C 133 -6.71 20.24 -15.76
C VAL C 133 -6.65 20.77 -17.19
N CYS C 134 -6.13 19.94 -18.09
CA CYS C 134 -6.12 20.21 -19.53
C CYS C 134 -6.93 19.15 -20.24
N LEU C 135 -7.87 19.62 -21.07
CA LEU C 135 -8.80 18.78 -21.83
C LEU C 135 -8.50 18.91 -23.32
N LEU C 136 -8.25 17.78 -23.97
CA LEU C 136 -8.14 17.67 -25.42
C LEU C 136 -9.39 16.95 -25.93
N ASN C 137 -10.25 17.68 -26.65
CA ASN C 137 -11.57 17.20 -26.99
C ASN C 137 -11.67 16.86 -28.48
N ASN C 138 -12.11 15.63 -28.77
CA ASN C 138 -12.48 15.18 -30.11
C ASN C 138 -11.34 15.38 -31.14
N PHE C 139 -10.25 14.66 -30.93
CA PHE C 139 -9.12 14.73 -31.85
C PHE C 139 -8.86 13.35 -32.44
N TYR C 140 -8.09 13.31 -33.53
CA TYR C 140 -7.72 12.04 -34.15
C TYR C 140 -6.46 12.20 -34.96
N PRO C 141 -5.49 11.23 -34.88
CA PRO C 141 -5.45 9.94 -34.17
C PRO C 141 -5.09 10.12 -32.69
N ARG C 142 -4.91 9.05 -31.88
CA ARG C 142 -4.75 9.31 -30.44
C ARG C 142 -3.40 9.90 -30.08
N GLU C 143 -2.35 9.71 -30.89
CA GLU C 143 -1.05 10.17 -30.42
C GLU C 143 -1.04 11.70 -30.45
N ALA C 144 -0.75 12.25 -29.28
CA ALA C 144 -0.70 13.66 -28.96
C ALA C 144 0.26 13.79 -27.79
N LYS C 145 0.87 14.96 -27.65
CA LYS C 145 1.76 15.18 -26.52
C LYS C 145 1.32 16.44 -25.79
N VAL C 146 1.33 16.37 -24.46
CA VAL C 146 1.00 17.48 -23.58
C VAL C 146 2.18 17.75 -22.67
N GLN C 147 2.61 19.02 -22.64
CA GLN C 147 3.64 19.46 -21.72
C GLN C 147 3.13 20.62 -20.87
N TRP C 148 3.25 20.44 -19.56
CA TRP C 148 2.88 21.46 -18.59
C TRP C 148 4.06 22.40 -18.33
N LYS C 149 3.78 23.70 -18.31
CA LYS C 149 4.79 24.68 -17.94
C LYS C 149 4.24 25.52 -16.80
N VAL C 150 5.07 25.78 -15.79
CA VAL C 150 4.72 26.70 -14.73
C VAL C 150 5.74 27.83 -14.74
N ASP C 151 5.24 29.06 -14.92
CA ASP C 151 6.06 30.21 -15.24
C ASP C 151 7.10 29.79 -16.26
N ASN C 152 6.67 29.03 -17.27
CA ASN C 152 7.47 28.68 -18.44
C ASN C 152 8.52 27.63 -18.06
N ALA C 153 8.36 27.01 -16.88
CA ALA C 153 9.23 25.92 -16.43
C ALA C 153 8.53 24.58 -16.63
N LEU C 154 9.08 23.75 -17.51
CA LEU C 154 8.53 22.42 -17.79
C LEU C 154 8.46 21.49 -16.58
N GLN C 155 7.33 20.79 -16.47
CA GLN C 155 6.95 19.94 -15.36
C GLN C 155 7.21 18.48 -15.71
N SER C 156 7.40 17.66 -14.68
CA SER C 156 7.52 16.22 -14.86
C SER C 156 7.29 15.54 -13.53
N GLY C 157 6.66 14.37 -13.57
CA GLY C 157 6.42 13.57 -12.40
C GLY C 157 5.25 14.02 -11.54
N ASN C 158 4.61 15.15 -11.87
CA ASN C 158 3.50 15.70 -11.10
C ASN C 158 2.24 15.77 -11.95
N SER C 159 2.19 14.99 -13.01
CA SER C 159 1.06 14.99 -13.92
C SER C 159 0.63 13.56 -14.22
N GLN C 160 -0.68 13.41 -14.42
CA GLN C 160 -1.28 12.17 -14.86
C GLN C 160 -2.21 12.45 -16.04
N GLU C 161 -2.50 11.41 -16.81
CA GLU C 161 -3.38 11.58 -17.95
C GLU C 161 -4.27 10.36 -18.10
N SER C 162 -5.39 10.57 -18.79
CA SER C 162 -6.28 9.49 -19.15
C SER C 162 -6.88 9.80 -20.51
N VAL C 163 -7.15 8.74 -21.27
CA VAL C 163 -7.65 8.87 -22.63
C VAL C 163 -8.91 8.02 -22.74
N THR C 164 -9.92 8.55 -23.43
CA THR C 164 -11.12 7.76 -23.62
C THR C 164 -10.88 6.77 -24.75
N GLU C 165 -11.69 5.71 -24.78
CA GLU C 165 -11.65 4.86 -25.94
C GLU C 165 -12.26 5.60 -27.12
N GLN C 166 -11.97 5.12 -28.33
CA GLN C 166 -12.44 5.77 -29.53
C GLN C 166 -13.95 5.97 -29.44
N ASP C 167 -14.39 7.20 -29.66
CA ASP C 167 -15.80 7.53 -29.51
C ASP C 167 -16.66 6.73 -30.47
N SER C 168 -17.80 6.25 -29.96
CA SER C 168 -18.72 5.41 -30.73
C SER C 168 -19.33 6.11 -31.93
N LYS C 169 -19.53 7.43 -31.84
CA LYS C 169 -20.30 8.18 -32.83
C LYS C 169 -19.44 8.88 -33.87
N ASP C 170 -18.37 9.56 -33.48
CA ASP C 170 -17.51 10.25 -34.44
C ASP C 170 -16.09 9.70 -34.53
N SER C 171 -15.82 8.55 -33.89
CA SER C 171 -14.52 7.87 -33.92
C SER C 171 -13.37 8.73 -33.43
N THR C 172 -13.67 9.71 -32.58
CA THR C 172 -12.67 10.61 -32.02
C THR C 172 -12.25 10.12 -30.63
N TYR C 173 -11.20 10.75 -30.12
CA TYR C 173 -10.71 10.55 -28.76
C TYR C 173 -10.75 11.84 -27.98
N SER C 174 -10.72 11.72 -26.65
CA SER C 174 -10.55 12.86 -25.77
C SER C 174 -9.54 12.47 -24.70
N LEU C 175 -8.86 13.47 -24.14
CA LEU C 175 -7.80 13.23 -23.16
C LEU C 175 -7.89 14.24 -22.03
N SER C 176 -7.59 13.78 -20.82
CA SER C 176 -7.58 14.62 -19.63
C SER C 176 -6.22 14.51 -18.96
N SER C 177 -5.60 15.64 -18.67
CA SER C 177 -4.33 15.65 -17.95
C SER C 177 -4.55 16.45 -16.68
N THR C 178 -4.12 15.89 -15.56
CA THR C 178 -4.21 16.56 -14.26
C THR C 178 -2.82 16.83 -13.72
N LEU C 179 -2.48 18.11 -13.54
CA LEU C 179 -1.27 18.54 -12.87
C LEU C 179 -1.61 18.81 -11.41
N THR C 180 -0.86 18.22 -10.48
CA THR C 180 -1.19 18.33 -9.06
C THR C 180 -0.03 18.99 -8.31
N LEU C 181 -0.36 20.05 -7.56
CA LEU C 181 0.61 20.80 -6.77
C LEU C 181 0.05 21.08 -5.38
N SER C 182 0.94 21.30 -4.42
CA SER C 182 0.56 21.77 -3.09
C SER C 182 0.11 23.23 -3.16
N LYS C 183 -0.67 23.65 -2.15
CA LYS C 183 -1.05 25.06 -2.05
C LYS C 183 0.15 25.98 -2.13
N ALA C 184 1.25 25.57 -1.52
CA ALA C 184 2.45 26.40 -1.46
C ALA C 184 3.01 26.61 -2.86
N ASP C 185 3.24 25.52 -3.59
CA ASP C 185 3.75 25.65 -4.95
C ASP C 185 2.80 26.40 -5.85
N TYR C 186 1.49 26.08 -5.80
CA TYR C 186 0.54 26.80 -6.65
C TYR C 186 0.61 28.30 -6.42
N GLU C 187 0.66 28.71 -5.15
CA GLU C 187 0.69 30.12 -4.77
C GLU C 187 2.05 30.78 -4.96
N LYS C 188 3.13 30.00 -5.18
CA LYS C 188 4.43 30.58 -5.50
C LYS C 188 4.54 31.08 -6.95
N HIS C 189 3.64 30.68 -7.84
CA HIS C 189 3.82 30.92 -9.26
C HIS C 189 2.59 31.59 -9.85
N LYS C 190 2.77 32.22 -11.00
CA LYS C 190 1.73 33.03 -11.65
C LYS C 190 1.20 32.45 -12.95
N VAL C 191 2.05 31.99 -13.86
CA VAL C 191 1.63 31.58 -15.20
C VAL C 191 1.57 30.06 -15.28
N TYR C 192 0.37 29.52 -15.56
CA TYR C 192 0.21 28.09 -15.71
C TYR C 192 -0.18 27.82 -17.16
N ALA C 193 0.54 26.93 -17.83
CA ALA C 193 0.28 26.69 -19.24
C ALA C 193 0.34 25.21 -19.54
N CYS C 194 -0.34 24.83 -20.61
CA CYS C 194 -0.27 23.46 -21.11
CA CYS C 194 -0.27 23.46 -21.11
C CYS C 194 -0.23 23.51 -22.64
N GLU C 195 0.69 22.74 -23.21
CA GLU C 195 1.08 22.80 -24.61
C GLU C 195 0.83 21.46 -25.29
N VAL C 196 0.06 21.50 -26.37
CA VAL C 196 -0.44 20.31 -27.04
C VAL C 196 0.18 20.25 -28.44
N THR C 197 0.80 19.13 -28.75
CA THR C 197 1.39 18.87 -30.06
C THR C 197 0.62 17.71 -30.67
N HIS C 198 0.17 17.87 -31.92
CA HIS C 198 -0.68 16.85 -32.54
C HIS C 198 -0.73 17.03 -34.04
N GLN C 199 -0.84 15.88 -34.74
CA GLN C 199 -0.80 15.83 -36.21
C GLN C 199 -1.84 16.73 -36.88
N GLY C 200 -2.90 17.11 -36.18
CA GLY C 200 -3.96 17.94 -36.71
C GLY C 200 -3.71 19.42 -36.62
N LEU C 201 -2.69 19.82 -35.86
CA LEU C 201 -2.36 21.21 -35.65
C LEU C 201 -1.19 21.58 -36.54
N SER C 202 -1.20 22.82 -37.04
CA SER C 202 -0.11 23.31 -37.88
C SER C 202 1.15 23.55 -37.06
N SER C 203 1.01 23.71 -35.75
CA SER C 203 2.12 23.86 -34.83
C SER C 203 1.54 23.64 -33.44
N PRO C 204 2.36 23.49 -32.40
CA PRO C 204 1.79 23.22 -31.07
C PRO C 204 0.91 24.37 -30.61
N VAL C 205 -0.20 24.04 -29.97
CA VAL C 205 -1.07 25.07 -29.41
C VAL C 205 -0.77 25.10 -27.92
N THR C 206 -0.67 26.29 -27.36
CA THR C 206 -0.50 26.47 -25.93
C THR C 206 -1.62 27.29 -25.35
N LYS C 207 -2.30 26.80 -24.32
CA LYS C 207 -3.06 27.83 -23.62
C LYS C 207 -2.61 27.90 -22.17
N SER C 208 -2.88 29.06 -21.59
CA SER C 208 -2.38 29.43 -20.27
C SER C 208 -3.40 30.28 -19.54
N PHE C 209 -3.16 30.41 -18.23
CA PHE C 209 -3.91 31.34 -17.42
C PHE C 209 -2.96 31.91 -16.37
N ASN C 210 -3.32 33.07 -15.86
CA ASN C 210 -2.57 33.73 -14.81
C ASN C 210 -3.36 33.63 -13.52
N ARG C 211 -2.68 33.20 -12.46
CA ARG C 211 -3.33 32.99 -11.18
C ARG C 211 -4.03 34.25 -10.71
N GLY C 212 -5.25 34.08 -10.20
CA GLY C 212 -6.06 35.19 -9.70
C GLY C 212 -7.10 35.75 -10.64
N GLU C 213 -6.77 35.98 -11.92
CA GLU C 213 -7.79 36.40 -12.89
C GLU C 213 -8.61 35.20 -13.38
N GLU D 1 -16.49 -23.23 -16.54
CA GLU D 1 -15.66 -22.28 -17.28
C GLU D 1 -14.37 -22.03 -16.49
N VAL D 2 -13.22 -22.31 -17.12
CA VAL D 2 -11.95 -22.13 -16.44
C VAL D 2 -11.74 -20.65 -16.12
N GLN D 3 -11.32 -20.35 -14.89
CA GLN D 3 -11.09 -18.96 -14.54
C GLN D 3 -9.86 -18.81 -13.66
N LEU D 4 -9.17 -17.67 -13.81
CA LEU D 4 -8.02 -17.31 -12.98
C LEU D 4 -8.25 -15.90 -12.44
N VAL D 5 -7.81 -15.66 -11.20
CA VAL D 5 -7.94 -14.35 -10.57
C VAL D 5 -6.69 -13.97 -9.77
N GLU D 6 -6.10 -12.82 -10.10
CA GLU D 6 -4.93 -12.31 -9.38
C GLU D 6 -5.40 -11.53 -8.16
N SER D 7 -4.55 -11.50 -7.13
CA SER D 7 -4.78 -10.71 -5.93
C SER D 7 -3.48 -10.06 -5.48
N GLY D 8 -3.58 -8.90 -4.84
CA GLY D 8 -2.43 -8.29 -4.21
C GLY D 8 -1.92 -7.00 -4.85
N GLY D 9 -2.38 -6.65 -6.04
CA GLY D 9 -1.93 -5.42 -6.66
C GLY D 9 -2.16 -4.20 -5.80
N GLY D 10 -1.42 -3.15 -6.09
CA GLY D 10 -1.57 -1.91 -5.33
C GLY D 10 -0.46 -0.93 -5.66
N LEU D 11 -0.34 0.08 -4.79
CA LEU D 11 0.72 1.07 -4.90
C LEU D 11 1.92 0.68 -4.05
N VAL D 12 3.09 0.72 -4.67
CA VAL D 12 4.35 0.41 -4.02
C VAL D 12 5.32 1.55 -4.28
N LYS D 13 6.14 1.86 -3.29
CA LYS D 13 7.20 2.83 -3.44
C LYS D 13 8.39 2.16 -4.10
N ALA D 14 9.13 2.92 -4.92
CA ALA D 14 10.33 2.37 -5.54
C ALA D 14 11.25 1.74 -4.51
N GLY D 15 11.79 0.57 -4.87
CA GLY D 15 12.61 -0.22 -3.97
C GLY D 15 11.84 -1.20 -3.12
N GLY D 16 10.53 -1.00 -2.98
CA GLY D 16 9.70 -1.82 -2.12
C GLY D 16 9.46 -3.22 -2.65
N SER D 17 8.69 -3.97 -1.87
CA SER D 17 8.33 -5.34 -2.21
C SER D 17 6.82 -5.48 -2.23
N LEU D 18 6.34 -6.34 -3.12
CA LEU D 18 4.92 -6.68 -3.22
C LEU D 18 4.79 -8.10 -3.72
N ILE D 19 3.85 -8.85 -3.15
CA ILE D 19 3.62 -10.22 -3.54
C ILE D 19 2.23 -10.33 -4.15
N LEU D 20 2.16 -10.99 -5.30
CA LEU D 20 0.91 -11.24 -5.99
C LEU D 20 0.55 -12.71 -5.81
N SER D 21 -0.74 -12.98 -5.84
CA SER D 21 -1.25 -14.34 -5.84
C SER D 21 -2.17 -14.56 -7.03
N CYS D 22 -2.39 -15.81 -7.39
CA CYS D 22 -3.29 -16.17 -8.47
C CYS D 22 -4.02 -17.45 -8.07
N GLY D 23 -5.34 -17.40 -8.12
CA GLY D 23 -6.20 -18.54 -7.81
C GLY D 23 -7.03 -18.96 -9.01
N VAL D 24 -7.57 -20.18 -9.01
CA VAL D 24 -8.29 -20.69 -10.18
C VAL D 24 -9.65 -21.24 -9.78
N SER D 25 -10.50 -21.44 -10.81
CA SER D 25 -11.79 -22.09 -10.69
C SER D 25 -12.00 -23.04 -11.86
N ASN D 26 -12.53 -24.23 -11.55
CA ASN D 26 -13.01 -25.26 -12.48
C ASN D 26 -11.88 -26.00 -13.20
N PHE D 27 -10.65 -25.94 -12.69
CA PHE D 27 -9.62 -26.86 -13.12
C PHE D 27 -8.53 -26.85 -12.05
N ARG D 28 -7.67 -27.85 -12.10
CA ARG D 28 -6.53 -27.88 -11.19
C ARG D 28 -5.25 -27.55 -11.96
N ILE D 29 -4.40 -26.72 -11.34
CA ILE D 29 -3.15 -26.23 -11.94
C ILE D 29 -2.06 -27.30 -12.04
N SER D 30 -2.18 -28.40 -11.31
CA SER D 30 -1.08 -29.36 -11.18
C SER D 30 -0.47 -29.76 -12.53
N ALA D 31 -1.30 -30.02 -13.54
CA ALA D 31 -0.77 -30.45 -14.83
C ALA D 31 -0.30 -29.32 -15.74
N HIS D 32 -0.43 -28.05 -15.33
CA HIS D 32 -0.15 -26.91 -16.20
C HIS D 32 1.09 -26.12 -15.78
N THR D 33 1.91 -25.77 -16.77
CA THR D 33 2.94 -24.75 -16.56
C THR D 33 2.27 -23.40 -16.38
N MET D 34 2.67 -22.65 -15.36
CA MET D 34 2.00 -21.39 -15.07
C MET D 34 2.90 -20.20 -15.34
N ASN D 35 2.30 -19.09 -15.75
CA ASN D 35 3.09 -17.95 -16.20
C ASN D 35 2.53 -16.66 -15.61
N TRP D 36 3.40 -15.66 -15.50
CA TRP D 36 3.05 -14.29 -15.19
C TRP D 36 3.47 -13.42 -16.36
N VAL D 37 2.58 -12.52 -16.78
CA VAL D 37 2.79 -11.62 -17.91
C VAL D 37 2.26 -10.25 -17.51
N ARG D 38 2.86 -9.19 -18.05
CA ARG D 38 2.42 -7.84 -17.69
C ARG D 38 2.23 -6.98 -18.93
N ARG D 39 1.22 -6.11 -18.85
CA ARG D 39 0.97 -5.08 -19.86
C ARG D 39 1.48 -3.77 -19.28
N VAL D 40 2.48 -3.20 -19.96
CA VAL D 40 3.13 -1.94 -19.61
C VAL D 40 2.32 -0.76 -20.14
N PRO D 41 2.55 0.48 -19.64
CA PRO D 41 1.71 1.60 -20.09
C PRO D 41 1.59 1.75 -21.60
N GLY D 42 2.66 1.50 -22.34
CA GLY D 42 2.62 1.59 -23.80
C GLY D 42 1.68 0.61 -24.48
N GLY D 43 1.16 -0.38 -23.75
CA GLY D 43 0.14 -1.28 -24.24
C GLY D 43 0.63 -2.66 -24.62
N GLY D 44 1.94 -2.83 -24.80
CA GLY D 44 2.47 -4.12 -25.19
C GLY D 44 2.60 -5.10 -24.04
N LEU D 45 2.57 -6.38 -24.38
CA LEU D 45 2.79 -7.42 -23.38
C LEU D 45 4.27 -7.77 -23.28
N GLU D 46 4.68 -8.12 -22.07
CA GLU D 46 6.04 -8.55 -21.76
C GLU D 46 5.94 -9.83 -20.95
N TRP D 47 6.57 -10.90 -21.43
CA TRP D 47 6.65 -12.09 -20.60
C TRP D 47 7.53 -11.81 -19.39
N VAL D 48 7.04 -12.18 -18.20
CA VAL D 48 7.70 -11.90 -16.94
C VAL D 48 8.30 -13.15 -16.31
N ALA D 49 7.49 -14.20 -16.16
CA ALA D 49 8.04 -15.40 -15.51
C ALA D 49 7.22 -16.62 -15.86
N SER D 50 7.86 -17.77 -15.77
CA SER D 50 7.21 -19.05 -16.00
C SER D 50 7.72 -20.04 -14.95
N ILE D 51 6.85 -20.91 -14.48
CA ILE D 51 7.24 -21.99 -13.56
C ILE D 51 6.59 -23.26 -14.07
N SER D 52 7.41 -24.26 -14.36
CA SER D 52 6.93 -25.49 -14.98
C SER D 52 6.17 -26.34 -13.97
N THR D 53 5.60 -27.44 -14.47
CA THR D 53 4.99 -28.42 -13.60
C THR D 53 6.02 -28.94 -12.60
N SER D 54 5.56 -29.26 -11.39
CA SER D 54 6.38 -29.79 -10.31
C SER D 54 7.45 -28.80 -9.83
N SER D 55 7.44 -27.57 -10.34
CA SER D 55 8.42 -26.53 -10.04
C SER D 55 9.84 -26.92 -10.45
N THR D 56 9.95 -27.86 -11.40
CA THR D 56 11.25 -28.31 -11.89
C THR D 56 12.05 -27.18 -12.52
N TYR D 57 11.40 -26.31 -13.28
CA TYR D 57 12.11 -25.22 -13.95
C TYR D 57 11.41 -23.91 -13.64
N ARG D 58 12.20 -22.89 -13.31
CA ARG D 58 11.70 -21.54 -13.14
C ARG D 58 12.47 -20.63 -14.08
N ASP D 59 11.76 -19.83 -14.86
CA ASP D 59 12.40 -18.98 -15.86
C ASP D 59 11.86 -17.58 -15.72
N TYR D 60 12.70 -16.61 -16.03
CA TYR D 60 12.41 -15.21 -15.77
C TYR D 60 12.83 -14.35 -16.95
N ALA D 61 12.05 -13.29 -17.19
CA ALA D 61 12.49 -12.25 -18.11
C ALA D 61 13.81 -11.67 -17.64
N ASP D 62 14.72 -11.43 -18.59
CA ASP D 62 16.02 -10.83 -18.26
C ASP D 62 15.86 -9.57 -17.40
N ALA D 63 14.87 -8.75 -17.70
CA ALA D 63 14.66 -7.51 -16.97
C ALA D 63 14.37 -7.71 -15.48
N VAL D 64 13.92 -8.89 -15.07
CA VAL D 64 13.52 -9.13 -13.68
C VAL D 64 14.33 -10.21 -12.97
N LYS D 65 15.21 -10.95 -13.65
CA LYS D 65 16.03 -11.94 -12.98
C LYS D 65 16.74 -11.35 -11.77
N GLY D 66 16.66 -12.06 -10.65
CA GLY D 66 17.28 -11.65 -9.41
C GLY D 66 16.38 -10.86 -8.48
N ARG D 67 15.27 -10.33 -8.97
CA ARG D 67 14.36 -9.50 -8.17
C ARG D 67 13.01 -10.16 -7.94
N PHE D 68 12.57 -11.02 -8.85
CA PHE D 68 11.29 -11.72 -8.75
C PHE D 68 11.50 -13.19 -8.44
N THR D 69 10.53 -13.78 -7.79
CA THR D 69 10.50 -15.22 -7.55
C THR D 69 9.11 -15.75 -7.84
N VAL D 70 9.01 -16.87 -8.56
CA VAL D 70 7.72 -17.48 -8.83
C VAL D 70 7.61 -18.79 -8.07
N SER D 71 6.41 -19.06 -7.53
CA SER D 71 6.19 -20.27 -6.76
C SER D 71 4.83 -20.88 -7.12
N ARG D 72 4.68 -22.17 -6.83
CA ARG D 72 3.43 -22.89 -7.08
C ARG D 72 2.98 -23.61 -5.83
N ASP D 73 1.66 -23.76 -5.70
CA ASP D 73 1.05 -24.51 -4.62
C ASP D 73 0.01 -25.39 -5.32
N ASP D 74 0.43 -26.59 -5.72
CA ASP D 74 -0.46 -27.47 -6.49
C ASP D 74 -1.61 -27.98 -5.64
N LEU D 75 -1.41 -28.10 -4.33
CA LEU D 75 -2.42 -28.70 -3.46
C LEU D 75 -3.65 -27.82 -3.29
N GLU D 76 -3.47 -26.51 -3.22
CA GLU D 76 -4.61 -25.60 -3.14
C GLU D 76 -4.81 -24.79 -4.42
N ASP D 77 -3.99 -25.05 -5.45
CA ASP D 77 -4.11 -24.45 -6.78
C ASP D 77 -3.91 -22.93 -6.69
N PHE D 78 -2.73 -22.53 -6.21
CA PHE D 78 -2.34 -21.13 -6.22
C PHE D 78 -0.97 -20.94 -6.86
N VAL D 79 -0.76 -19.75 -7.41
CA VAL D 79 0.55 -19.36 -7.94
C VAL D 79 0.93 -18.06 -7.26
N TYR D 80 2.22 -17.89 -6.95
CA TYR D 80 2.67 -16.67 -6.30
C TYR D 80 3.75 -16.02 -7.12
N LEU D 81 3.80 -14.69 -7.08
CA LEU D 81 4.93 -13.92 -7.60
C LEU D 81 5.43 -12.92 -6.57
N GLN D 82 6.68 -13.10 -6.12
CA GLN D 82 7.34 -12.14 -5.23
C GLN D 82 8.07 -11.12 -6.09
N MET D 83 7.84 -9.83 -5.82
CA MET D 83 8.54 -8.76 -6.53
C MET D 83 9.27 -7.89 -5.51
N HIS D 84 10.60 -7.88 -5.60
CA HIS D 84 11.44 -7.10 -4.69
C HIS D 84 12.29 -6.11 -5.46
N LYS D 85 12.82 -5.12 -4.72
CA LYS D 85 13.67 -4.05 -5.28
C LYS D 85 13.06 -3.49 -6.56
N MET D 86 11.78 -3.18 -6.48
CA MET D 86 11.00 -2.78 -7.63
C MET D 86 11.47 -1.46 -8.24
N ARG D 87 11.37 -1.39 -9.55
CA ARG D 87 11.80 -0.26 -10.35
C ARG D 87 10.55 0.36 -10.98
N VAL D 88 10.67 1.63 -11.34
CA VAL D 88 9.52 2.33 -11.93
C VAL D 88 9.00 1.57 -13.15
N GLU D 89 9.91 1.05 -13.99
CA GLU D 89 9.46 0.33 -15.18
C GLU D 89 8.81 -1.02 -14.87
N ASP D 90 8.65 -1.39 -13.60
CA ASP D 90 7.82 -2.55 -13.28
C ASP D 90 6.33 -2.23 -13.23
N THR D 91 5.97 -0.95 -13.24
CA THR D 91 4.56 -0.52 -13.22
C THR D 91 3.82 -1.10 -14.41
N ALA D 92 2.75 -1.86 -14.14
CA ALA D 92 2.03 -2.55 -15.21
C ALA D 92 0.84 -3.28 -14.62
N ILE D 93 0.01 -3.83 -15.51
CA ILE D 93 -1.05 -4.76 -15.13
C ILE D 93 -0.49 -6.16 -15.23
N TYR D 94 -0.62 -6.93 -14.15
CA TYR D 94 -0.11 -8.30 -14.13
C TYR D 94 -1.24 -9.30 -14.33
N TYR D 95 -1.05 -10.21 -15.28
CA TYR D 95 -1.98 -11.29 -15.60
C TYR D 95 -1.27 -12.61 -15.31
N CYS D 96 -2.03 -13.57 -14.81
CA CYS D 96 -1.52 -14.92 -14.59
CA CYS D 96 -1.54 -14.92 -14.56
C CYS D 96 -2.15 -15.84 -15.62
N ALA D 97 -1.31 -16.42 -16.46
CA ALA D 97 -1.72 -17.14 -17.66
C ALA D 97 -1.34 -18.61 -17.60
N ARG D 98 -2.25 -19.47 -18.04
CA ARG D 98 -2.02 -20.91 -18.03
C ARG D 98 -1.50 -21.33 -19.39
N LYS D 99 -0.49 -22.19 -19.39
CA LYS D 99 -0.04 -22.81 -20.62
C LYS D 99 -0.89 -24.07 -20.79
N GLY D 100 -1.58 -24.19 -21.92
CA GLY D 100 -2.52 -25.28 -22.07
C GLY D 100 -3.17 -25.28 -23.45
N SER D 101 -3.89 -26.36 -23.70
CA SER D 101 -4.65 -26.50 -24.94
C SER D 101 -5.67 -27.60 -24.74
N ASP D 102 -6.52 -27.79 -25.76
CA ASP D 102 -7.56 -28.82 -25.69
C ASP D 102 -6.96 -30.16 -25.26
N ARG D 103 -5.86 -30.56 -25.89
CA ARG D 103 -5.04 -31.66 -25.40
C ARG D 103 -3.62 -31.18 -25.21
N LEU D 104 -3.08 -31.39 -24.00
CA LEU D 104 -1.75 -30.91 -23.64
C LEU D 104 -0.65 -31.49 -24.53
N SER D 105 0.37 -30.67 -24.79
CA SER D 105 1.58 -31.10 -25.48
C SER D 105 2.80 -30.50 -24.76
N ASP D 106 3.99 -30.82 -25.26
CA ASP D 106 5.22 -30.24 -24.75
C ASP D 106 5.36 -28.74 -25.00
N ASN D 107 4.50 -28.13 -25.83
CA ASN D 107 4.62 -26.69 -26.12
C ASN D 107 3.27 -26.14 -26.58
N ASP D 108 2.50 -25.60 -25.64
CA ASP D 108 1.17 -25.05 -25.89
C ASP D 108 1.12 -23.54 -25.67
N PRO D 109 0.14 -22.85 -26.26
CA PRO D 109 0.01 -21.40 -26.06
C PRO D 109 -0.67 -21.12 -24.72
N PHE D 110 -0.86 -19.83 -24.43
CA PHE D 110 -1.52 -19.41 -23.19
C PHE D 110 -3.02 -19.36 -23.44
N ASP D 111 -3.73 -20.40 -22.99
CA ASP D 111 -5.14 -20.59 -23.34
C ASP D 111 -6.13 -20.03 -22.33
N ALA D 112 -5.68 -19.62 -21.14
CA ALA D 112 -6.57 -19.01 -20.14
C ALA D 112 -5.81 -17.94 -19.36
N TRP D 113 -6.43 -16.78 -19.18
CA TRP D 113 -5.80 -15.65 -18.50
C TRP D 113 -6.67 -15.08 -17.40
N GLY D 114 -6.02 -14.51 -16.37
CA GLY D 114 -6.74 -13.76 -15.37
C GLY D 114 -7.08 -12.38 -15.88
N PRO D 115 -7.96 -11.68 -15.16
CA PRO D 115 -8.33 -10.32 -15.59
C PRO D 115 -7.22 -9.29 -15.42
N GLY D 116 -6.24 -9.56 -14.57
CA GLY D 116 -5.15 -8.63 -14.34
C GLY D 116 -5.33 -7.85 -13.05
N THR D 117 -4.22 -7.54 -12.39
CA THR D 117 -4.25 -6.71 -11.19
C THR D 117 -3.22 -5.60 -11.38
N VAL D 118 -3.58 -4.38 -10.98
CA VAL D 118 -2.76 -3.21 -11.27
C VAL D 118 -1.65 -3.04 -10.22
N VAL D 119 -0.41 -2.92 -10.67
CA VAL D 119 0.75 -2.70 -9.80
C VAL D 119 1.38 -1.39 -10.23
N THR D 120 1.53 -0.46 -9.28
CA THR D 120 2.01 0.88 -9.58
C THR D 120 3.17 1.24 -8.67
N VAL D 121 4.33 1.51 -9.25
CA VAL D 121 5.53 1.91 -8.51
C VAL D 121 5.70 3.42 -8.63
N SER D 122 5.59 4.11 -7.50
CA SER D 122 5.83 5.55 -7.57
C SER D 122 7.33 5.82 -7.68
N PRO D 123 7.73 6.86 -8.41
CA PRO D 123 9.17 7.10 -8.60
C PRO D 123 9.90 7.44 -7.32
N ALA D 124 9.25 8.12 -6.39
CA ALA D 124 9.89 8.53 -5.14
C ALA D 124 9.99 7.33 -4.21
N SER D 125 11.22 6.95 -3.87
CA SER D 125 11.45 5.90 -2.90
C SER D 125 11.52 6.46 -1.49
N THR D 126 11.64 7.78 -1.39
CA THR D 126 11.90 8.49 -0.15
C THR D 126 11.14 9.81 -0.16
N LYS D 127 10.86 10.33 1.02
CA LYS D 127 10.26 11.65 1.15
C LYS D 127 10.79 12.27 2.45
N GLY D 128 11.17 13.54 2.37
CA GLY D 128 11.80 14.20 3.49
C GLY D 128 10.79 14.71 4.48
N PRO D 129 11.17 14.78 5.75
CA PRO D 129 10.22 15.14 6.79
C PRO D 129 9.89 16.62 6.75
N SER D 130 8.67 16.94 7.16
CA SER D 130 8.31 18.29 7.57
C SER D 130 8.57 18.45 9.06
N VAL D 131 9.06 19.62 9.47
CA VAL D 131 9.35 19.86 10.88
C VAL D 131 8.57 21.08 11.36
N PHE D 132 7.79 20.90 12.42
CA PHE D 132 6.96 21.97 12.95
C PHE D 132 7.28 22.21 14.42
N PRO D 133 7.28 23.46 14.89
CA PRO D 133 7.56 23.69 16.30
C PRO D 133 6.39 23.30 17.19
N LEU D 134 6.71 22.79 18.38
CA LEU D 134 5.77 22.64 19.49
C LEU D 134 6.14 23.72 20.51
N ALA D 135 5.59 24.92 20.30
CA ALA D 135 6.01 26.10 21.07
C ALA D 135 5.59 26.03 22.53
N PRO D 136 6.44 26.47 23.46
CA PRO D 136 6.04 26.57 24.87
C PRO D 136 4.99 27.65 25.07
N SER D 137 4.05 27.41 25.97
CA SER D 137 3.04 28.42 26.28
C SER D 137 2.57 28.33 27.73
N SER D 142 3.77 25.19 33.29
CA SER D 142 3.35 24.96 34.67
C SER D 142 4.54 24.98 35.64
N GLY D 143 4.63 26.07 36.40
CA GLY D 143 5.58 26.07 37.51
C GLY D 143 6.97 26.42 37.03
N GLY D 144 7.98 25.69 37.53
CA GLY D 144 9.37 25.88 37.18
C GLY D 144 9.85 25.19 35.92
N THR D 145 8.96 24.46 35.24
CA THR D 145 9.33 23.64 34.09
C THR D 145 8.46 24.02 32.91
N ALA D 146 9.07 24.02 31.74
CA ALA D 146 8.37 24.26 30.47
C ALA D 146 8.73 23.14 29.53
N ALA D 147 7.79 22.73 28.69
CA ALA D 147 8.06 21.73 27.67
C ALA D 147 7.99 22.37 26.29
N LEU D 148 8.91 21.96 25.42
CA LEU D 148 8.86 22.42 24.03
C LEU D 148 9.37 21.29 23.15
N GLY D 149 9.21 21.42 21.85
CA GLY D 149 9.62 20.31 21.02
C GLY D 149 9.46 20.57 19.53
N CYS D 150 9.61 19.49 18.79
CA CYS D 150 9.42 19.50 17.34
C CYS D 150 8.57 18.30 16.95
N LEU D 151 7.68 18.53 16.00
CA LEU D 151 6.85 17.51 15.39
C LEU D 151 7.40 17.20 14.01
N VAL D 152 7.86 15.97 13.82
CA VAL D 152 8.49 15.54 12.58
C VAL D 152 7.49 14.66 11.83
N LYS D 153 6.92 15.19 10.77
CA LYS D 153 5.69 14.64 10.20
C LYS D 153 5.89 14.34 8.71
N ASP D 154 5.24 13.28 8.25
CA ASP D 154 5.10 12.97 6.81
C ASP D 154 6.44 12.65 6.15
N TYR D 155 7.20 11.72 6.74
CA TYR D 155 8.46 11.28 6.14
C TYR D 155 8.37 9.79 5.85
N PHE D 156 9.32 9.29 5.06
CA PHE D 156 9.36 7.88 4.70
C PHE D 156 10.71 7.55 4.07
N PRO D 157 11.36 6.46 4.47
CA PRO D 157 10.95 5.52 5.54
C PRO D 157 11.65 5.83 6.86
N GLU D 158 11.48 4.94 7.85
CA GLU D 158 12.25 5.06 9.08
C GLU D 158 13.74 4.79 8.83
N PRO D 159 14.64 5.35 9.65
CA PRO D 159 14.37 6.21 10.81
C PRO D 159 14.81 7.67 10.60
N VAL D 160 14.53 8.53 11.58
CA VAL D 160 15.12 9.87 11.65
C VAL D 160 15.78 10.06 13.01
N THR D 161 16.86 10.85 13.02
CA THR D 161 17.53 11.18 14.26
C THR D 161 17.25 12.64 14.58
N VAL D 162 17.15 12.95 15.86
CA VAL D 162 16.90 14.31 16.33
C VAL D 162 17.91 14.67 17.40
N SER D 163 18.56 15.82 17.25
CA SER D 163 19.44 16.35 18.28
C SER D 163 18.95 17.74 18.64
N TRP D 164 19.29 18.19 19.84
CA TRP D 164 18.88 19.50 20.32
C TRP D 164 20.12 20.36 20.53
N ASN D 165 20.08 21.58 19.97
CA ASN D 165 21.22 22.49 20.01
C ASN D 165 22.49 21.74 19.60
N SER D 166 22.39 21.04 18.46
CA SER D 166 23.49 20.29 17.87
C SER D 166 24.10 19.27 18.83
N GLY D 167 23.32 18.79 19.79
CA GLY D 167 23.79 17.77 20.72
C GLY D 167 24.13 18.26 22.11
N ALA D 168 24.21 19.58 22.31
CA ALA D 168 24.55 20.15 23.62
C ALA D 168 23.49 19.86 24.68
N LEU D 169 22.21 19.76 24.28
CA LEU D 169 21.10 19.53 25.20
C LEU D 169 20.61 18.09 25.09
N THR D 170 20.90 17.30 26.14
CA THR D 170 20.56 15.88 26.22
C THR D 170 19.70 15.54 27.42
N SER D 171 19.91 16.18 28.57
CA SER D 171 19.09 15.91 29.74
C SER D 171 17.64 16.32 29.50
N GLY D 172 16.71 15.42 29.83
CA GLY D 172 15.30 15.71 29.74
C GLY D 172 14.65 15.51 28.38
N VAL D 173 15.39 15.06 27.38
CA VAL D 173 14.87 14.89 26.02
C VAL D 173 14.18 13.54 25.90
N HIS D 174 13.05 13.54 25.20
CA HIS D 174 12.30 12.33 24.85
C HIS D 174 11.94 12.39 23.38
N THR D 175 12.42 11.42 22.62
CA THR D 175 12.06 11.29 21.21
C THR D 175 11.26 10.01 21.10
N PHE D 176 10.00 10.14 20.73
CA PHE D 176 9.06 9.05 20.79
C PHE D 176 9.18 8.13 19.58
N PRO D 177 8.81 6.86 19.76
CA PRO D 177 8.71 5.94 18.63
C PRO D 177 7.83 6.54 17.53
N ALA D 178 8.26 6.38 16.28
CA ALA D 178 7.40 6.92 15.23
C ALA D 178 6.15 6.07 15.13
N VAL D 179 5.11 6.67 14.58
CA VAL D 179 3.85 5.97 14.35
C VAL D 179 3.50 6.11 12.87
N LEU D 180 2.83 5.09 12.33
CA LEU D 180 2.48 5.06 10.93
C LEU D 180 1.04 5.54 10.79
N GLN D 181 0.86 6.59 10.01
CA GLN D 181 -0.44 7.21 9.80
C GLN D 181 -1.19 6.48 8.71
N SER D 182 -2.51 6.68 8.69
CA SER D 182 -3.32 6.08 7.63
C SER D 182 -2.89 6.53 6.24
N SER D 183 -2.07 7.58 6.13
CA SER D 183 -1.55 8.06 4.86
C SER D 183 -0.37 7.23 4.37
N GLY D 184 0.20 6.37 5.20
CA GLY D 184 1.35 5.58 4.84
C GLY D 184 2.68 6.26 5.09
N LEU D 185 2.68 7.41 5.75
CA LEU D 185 3.88 8.16 6.10
C LEU D 185 4.02 8.20 7.61
N TYR D 186 5.26 8.29 8.09
CA TYR D 186 5.49 8.27 9.53
C TYR D 186 5.46 9.67 10.13
N SER D 187 5.30 9.72 11.45
CA SER D 187 5.44 10.96 12.19
C SER D 187 5.80 10.62 13.64
N LEU D 188 6.54 11.53 14.26
CA LEU D 188 6.93 11.39 15.66
C LEU D 188 7.14 12.78 16.22
N SER D 189 7.32 12.84 17.53
CA SER D 189 7.61 14.09 18.19
C SER D 189 8.83 13.91 19.08
N SER D 190 9.60 14.97 19.20
CA SER D 190 10.69 15.03 20.17
C SER D 190 10.45 16.24 21.04
N VAL D 191 10.50 16.03 22.34
CA VAL D 191 10.24 17.10 23.30
C VAL D 191 11.38 17.14 24.31
N VAL D 192 11.49 18.30 24.97
CA VAL D 192 12.46 18.50 26.03
C VAL D 192 11.82 19.44 27.04
N THR D 193 12.04 19.14 28.32
CA THR D 193 11.66 20.02 29.42
C THR D 193 12.85 20.86 29.84
N VAL D 194 12.62 22.15 30.04
CA VAL D 194 13.67 23.12 30.34
C VAL D 194 13.17 24.10 31.41
N PRO D 195 14.06 24.87 32.03
CA PRO D 195 13.61 25.85 33.03
C PRO D 195 12.75 26.95 32.40
N SER D 196 11.60 27.22 33.04
CA SER D 196 10.73 28.29 32.54
C SER D 196 11.49 29.59 32.38
N SER D 197 12.49 29.81 33.23
CA SER D 197 13.31 31.02 33.23
C SER D 197 14.19 31.15 32.00
N SER D 198 14.27 30.12 31.15
CA SER D 198 15.17 30.10 30.02
C SER D 198 14.53 30.60 28.73
N LEU D 199 13.21 30.58 28.63
CA LEU D 199 12.54 31.16 27.47
C LEU D 199 12.81 32.66 27.38
N GLY D 200 13.17 33.13 26.18
CA GLY D 200 13.54 34.51 25.98
C GLY D 200 15.03 34.82 26.11
N THR D 201 15.79 34.00 26.84
CA THR D 201 17.24 34.12 26.96
C THR D 201 17.97 33.04 26.17
N GLN D 202 17.59 31.78 26.34
CA GLN D 202 18.22 30.68 25.64
C GLN D 202 17.46 30.33 24.36
N THR D 203 18.22 30.22 23.27
CA THR D 203 17.69 29.76 21.99
C THR D 203 17.70 28.25 21.95
N TYR D 204 16.63 27.66 21.41
CA TYR D 204 16.57 26.21 21.25
C TYR D 204 16.16 25.86 19.83
N ILE D 205 16.97 25.01 19.20
CA ILE D 205 16.81 24.63 17.80
C ILE D 205 16.88 23.11 17.71
N CYS D 206 15.89 22.49 17.09
CA CYS D 206 15.94 21.05 16.87
C CYS D 206 16.57 20.75 15.52
N ASN D 207 17.51 19.80 15.51
CA ASN D 207 18.25 19.36 14.33
C ASN D 207 17.70 17.99 13.93
N VAL D 208 17.03 17.92 12.79
CA VAL D 208 16.41 16.68 12.31
C VAL D 208 17.26 16.19 11.15
N ASN D 209 17.66 14.92 11.22
CA ASN D 209 18.47 14.26 10.20
C ASN D 209 17.67 13.05 9.70
N HIS D 210 17.22 13.11 8.45
CA HIS D 210 16.63 11.96 7.74
C HIS D 210 17.64 11.43 6.73
N LYS D 211 18.55 10.58 7.22
CA LYS D 211 19.62 10.06 6.37
C LYS D 211 19.09 9.37 5.12
N PRO D 212 18.06 8.48 5.19
CA PRO D 212 17.51 7.86 3.97
C PRO D 212 17.17 8.81 2.83
N SER D 213 16.78 10.05 3.10
CA SER D 213 16.55 11.04 2.06
C SER D 213 17.65 12.09 2.02
N ASN D 214 18.72 11.88 2.77
CA ASN D 214 19.80 12.85 2.94
C ASN D 214 19.24 14.25 3.15
N THR D 215 18.26 14.35 4.05
CA THR D 215 17.60 15.61 4.35
C THR D 215 17.95 16.05 5.77
N LYS D 216 18.25 17.34 5.94
CA LYS D 216 18.50 17.89 7.25
C LYS D 216 17.71 19.18 7.42
N VAL D 217 17.15 19.38 8.61
CA VAL D 217 16.33 20.57 8.90
C VAL D 217 16.69 21.10 10.27
N ASP D 218 16.87 22.42 10.37
CA ASP D 218 17.09 23.09 11.65
C ASP D 218 15.90 23.99 11.92
N LYS D 219 15.26 23.80 13.07
CA LYS D 219 14.01 24.51 13.37
C LYS D 219 14.15 25.24 14.70
N LYS D 220 14.02 26.57 14.67
CA LYS D 220 14.01 27.37 15.88
C LYS D 220 12.63 27.32 16.53
N VAL D 221 12.58 26.91 17.79
CA VAL D 221 11.34 26.82 18.56
C VAL D 221 11.33 27.98 19.56
N GLU D 222 10.46 28.96 19.33
CA GLU D 222 10.36 30.13 20.20
C GLU D 222 8.93 30.28 20.74
N PRO D 223 8.78 30.93 21.89
CA PRO D 223 7.44 31.20 22.43
C PRO D 223 6.49 31.83 21.42
N LYS D 224 5.20 31.48 21.57
CA LYS D 224 4.10 32.11 20.84
C LYS D 224 4.04 31.70 19.38
#